data_6KKK
#
_entry.id   6KKK
#
_cell.length_a   261.618
_cell.length_b   61.822
_cell.length_c   122.463
_cell.angle_alpha   90.000
_cell.angle_beta   93.420
_cell.angle_gamma   90.000
#
_symmetry.space_group_name_H-M   'C 1 2 1'
#
loop_
_entity.id
_entity.type
_entity.pdbx_description
1 polymer 'Sugar efflux transporter'
2 non-polymer 'nonyl beta-D-glucopyranoside'
#
_entity_poly.entity_id   1
_entity_poly.type   'polypeptide(L)'
_entity_poly.pdbx_seq_one_letter_code
;MGSSHHHHHHSSGLVPRGSHSDEVDAHMTTNTVSRKVAWLRVVTLAVAAFIFNTTEFVPVGLLSDIAQSFHMQTAQVGIM
LTIYAWVVALMSLPFMLMTSQVERRKLLICLFVVFIASHVLSFLSWSFTVLVISRIGVAFAAAIFWSITASLAIRMAPAG
KRAQALSLIATGTALAMVLGLPLGRIVGQYFGWRMTFFAIGIGALITLLCLIKLLPLLPSEHSGSLKSLPLLFRRPALMS
IYLLTVVVVTAHYTAYSYIEPFVQNIAGFSANFATALLLLLGGAGIIGSVIFGKLGNQYASALVSTAIALLLVCLALLLP
AANSEIHLGVLSIFWGIAMMIIGLGMQVKVLALAPDATDVAMALFSGIFNIGIGAGALVGNQVSLHWSMSMIGYVGAVPA
FAALIWSIIIFRRWPVTLEEQTQ
;
_entity_poly.pdbx_strand_id   A,B,C
#
loop_
_chem_comp.id
_chem_comp.type
_chem_comp.name
_chem_comp.formula
BNG D-saccharide 'nonyl beta-D-glucopyranoside' 'C15 H30 O6'
#
# COMPACT_ATOMS: atom_id res chain seq x y z
N ARG A 35 6.71 45.09 -17.84
CA ARG A 35 6.29 43.76 -18.32
C ARG A 35 7.43 42.71 -18.29
N LYS A 36 8.41 42.79 -19.21
CA LYS A 36 9.57 41.90 -19.15
C LYS A 36 10.45 42.17 -17.92
N VAL A 37 10.28 43.36 -17.31
CA VAL A 37 10.84 43.64 -16.00
C VAL A 37 10.53 42.50 -15.02
N ALA A 38 9.24 42.15 -14.89
CA ALA A 38 8.83 41.16 -13.90
C ALA A 38 9.48 39.81 -14.18
N TRP A 39 9.61 39.46 -15.46
CA TRP A 39 10.31 38.24 -15.84
C TRP A 39 11.76 38.27 -15.37
N LEU A 40 12.36 39.45 -15.36
CA LEU A 40 13.73 39.58 -14.91
C LEU A 40 13.84 39.41 -13.40
N ARG A 41 12.92 40.00 -12.64
CA ARG A 41 12.92 39.82 -11.19
C ARG A 41 12.75 38.35 -10.80
N VAL A 42 11.86 37.62 -11.48
CA VAL A 42 11.80 36.18 -11.22
C VAL A 42 13.13 35.51 -11.60
N VAL A 43 13.69 35.85 -12.78
CA VAL A 43 14.93 35.22 -13.21
C VAL A 43 16.06 35.47 -12.22
N THR A 44 16.05 36.65 -11.60
CA THR A 44 17.10 36.97 -10.64
C THR A 44 16.89 36.22 -9.32
N LEU A 45 15.65 36.11 -8.85
CA LEU A 45 15.44 35.27 -7.69
C LEU A 45 15.89 33.82 -7.97
N ALA A 46 15.70 33.37 -9.22
CA ALA A 46 16.08 32.00 -9.61
C ALA A 46 17.58 31.82 -9.64
N VAL A 47 18.30 32.79 -10.18
CA VAL A 47 19.74 32.69 -10.15
C VAL A 47 20.24 32.71 -8.70
N ALA A 48 19.59 33.49 -7.85
CA ALA A 48 19.95 33.47 -6.43
C ALA A 48 19.73 32.08 -5.82
N ALA A 49 18.62 31.43 -6.19
CA ALA A 49 18.41 30.03 -5.79
C ALA A 49 19.55 29.15 -6.28
N PHE A 50 19.97 29.34 -7.54
CA PHE A 50 21.10 28.60 -8.10
C PHE A 50 22.32 28.73 -7.21
N ILE A 51 22.64 29.96 -6.81
CA ILE A 51 23.83 30.20 -5.99
C ILE A 51 23.66 29.50 -4.64
N PHE A 52 22.51 29.68 -4.00
CA PHE A 52 22.34 29.16 -2.65
C PHE A 52 22.40 27.63 -2.64
N ASN A 53 21.82 27.00 -3.66
CA ASN A 53 21.92 25.54 -3.72
C ASN A 53 23.30 25.03 -4.17
N THR A 54 23.97 25.71 -5.12
CA THR A 54 25.31 25.21 -5.46
C THR A 54 26.20 25.20 -4.23
N THR A 55 26.10 26.24 -3.40
CA THR A 55 26.88 26.24 -2.16
C THR A 55 26.46 25.14 -1.21
N GLU A 56 25.16 24.95 -1.09
CA GLU A 56 24.61 23.90 -0.23
C GLU A 56 25.05 22.50 -0.66
N PHE A 57 25.34 22.31 -1.95
CA PHE A 57 25.66 20.99 -2.49
C PHE A 57 27.16 20.74 -2.59
N VAL A 58 27.92 21.72 -3.08
CA VAL A 58 29.28 21.55 -3.57
C VAL A 58 30.27 21.00 -2.53
N PRO A 59 30.13 21.26 -1.21
CA PRO A 59 31.01 20.57 -0.26
C PRO A 59 31.13 19.06 -0.48
N VAL A 60 30.10 18.39 -0.96
CA VAL A 60 30.25 16.99 -1.34
C VAL A 60 31.35 16.84 -2.37
N GLY A 61 31.35 17.72 -3.37
CA GLY A 61 32.38 17.67 -4.39
C GLY A 61 33.74 18.18 -3.95
N LEU A 62 33.85 18.80 -2.77
CA LEU A 62 35.13 19.37 -2.35
C LEU A 62 35.71 18.72 -1.10
N LEU A 63 35.04 17.67 -0.57
CA LEU A 63 35.43 17.10 0.71
C LEU A 63 36.92 16.79 0.80
N SER A 64 37.48 16.11 -0.19
CA SER A 64 38.85 15.68 -0.05
C SER A 64 39.84 16.84 -0.14
N ASP A 65 39.57 17.84 -0.98
CA ASP A 65 40.45 19.03 -1.03
C ASP A 65 40.48 19.72 0.32
N ILE A 66 39.31 19.84 0.95
CA ILE A 66 39.23 20.43 2.28
C ILE A 66 39.92 19.55 3.32
N ALA A 67 39.81 18.23 3.18
CA ALA A 67 40.47 17.33 4.13
C ALA A 67 41.99 17.48 4.07
N GLN A 68 42.53 17.47 2.86
CA GLN A 68 43.95 17.69 2.69
C GLN A 68 44.33 19.05 3.28
N SER A 69 43.61 20.09 2.87
CA SER A 69 44.01 21.43 3.25
C SER A 69 43.93 21.70 4.74
N PHE A 70 43.40 20.77 5.53
CA PHE A 70 43.48 20.96 6.96
C PHE A 70 44.16 19.78 7.66
N HIS A 71 44.73 18.83 6.91
CA HIS A 71 45.30 17.61 7.48
C HIS A 71 44.31 16.91 8.41
N MET A 72 43.25 16.34 7.83
CA MET A 72 42.23 15.60 8.59
C MET A 72 41.51 14.67 7.62
N GLN A 73 40.66 13.79 8.15
CA GLN A 73 39.92 12.89 7.27
C GLN A 73 38.69 13.51 6.65
N THR A 74 38.47 13.16 5.38
CA THR A 74 37.28 13.61 4.64
C THR A 74 36.00 13.35 5.43
N ALA A 75 35.98 12.27 6.21
CA ALA A 75 34.79 11.91 6.97
C ALA A 75 34.42 12.98 8.01
N GLN A 76 35.38 13.40 8.84
CA GLN A 76 35.11 14.49 9.76
C GLN A 76 34.54 15.69 9.02
N VAL A 77 34.95 16.07 7.82
CA VAL A 77 34.24 17.24 7.16
C VAL A 77 32.74 17.03 6.90
N GLY A 78 32.37 15.77 6.98
CA GLY A 78 30.99 15.40 6.78
C GLY A 78 30.17 16.18 7.77
N ILE A 79 30.79 16.59 8.86
CA ILE A 79 30.11 17.39 9.82
C ILE A 79 29.74 18.74 9.26
N MET A 80 30.52 19.26 8.34
CA MET A 80 30.18 20.56 7.75
C MET A 80 28.95 20.34 6.94
N LEU A 81 28.85 19.15 6.40
CA LEU A 81 27.63 18.81 5.66
C LEU A 81 26.46 18.82 6.62
N THR A 82 26.62 18.16 7.76
CA THR A 82 25.58 18.07 8.77
C THR A 82 25.21 19.37 9.45
N ILE A 83 26.22 20.10 9.84
CA ILE A 83 26.06 21.37 10.53
C ILE A 83 25.20 22.32 9.71
N TYR A 84 25.52 22.46 8.42
CA TYR A 84 24.73 23.36 7.60
C TYR A 84 23.28 22.91 7.52
N ALA A 85 23.06 21.63 7.16
CA ALA A 85 21.69 21.16 6.90
C ALA A 85 20.83 21.22 8.15
N TRP A 86 21.33 20.71 9.28
CA TRP A 86 20.50 20.75 10.49
C TRP A 86 20.26 22.19 10.95
N VAL A 87 21.26 23.07 10.79
CA VAL A 87 21.04 24.47 11.09
C VAL A 87 19.92 25.02 10.23
N VAL A 88 20.04 24.86 8.90
CA VAL A 88 19.03 25.40 7.99
C VAL A 88 17.64 24.94 8.40
N ALA A 89 17.48 23.62 8.59
CA ALA A 89 16.19 23.09 9.00
C ALA A 89 15.68 23.76 10.27
N LEU A 90 16.39 23.58 11.39
CA LEU A 90 15.82 24.02 12.66
C LEU A 90 15.72 25.54 12.80
N MET A 91 16.51 26.30 12.05
CA MET A 91 16.56 27.74 12.22
C MET A 91 15.71 28.50 11.24
N SER A 92 15.38 27.91 10.08
CA SER A 92 14.59 28.64 9.11
C SER A 92 13.26 29.11 9.70
N LEU A 93 12.62 28.28 10.55
CA LEU A 93 11.38 28.72 11.18
C LEU A 93 11.56 29.92 12.09
N PRO A 94 12.45 29.90 13.10
CA PRO A 94 12.61 31.10 13.95
C PRO A 94 13.14 32.31 13.19
N PHE A 95 13.91 32.09 12.14
CA PHE A 95 14.35 33.21 11.31
C PHE A 95 13.20 33.79 10.51
N MET A 96 12.53 32.94 9.73
CA MET A 96 11.37 33.38 8.98
C MET A 96 10.34 34.00 9.90
N LEU A 97 10.42 33.68 11.20
CA LEU A 97 9.56 34.26 12.22
C LEU A 97 10.02 35.65 12.65
N MET A 98 11.32 35.81 12.95
CA MET A 98 11.84 37.12 13.37
C MET A 98 11.96 38.10 12.20
N THR A 99 12.04 37.60 10.96
CA THR A 99 12.19 38.48 9.80
C THR A 99 10.85 38.87 9.21
N SER A 100 9.76 38.52 9.90
CA SER A 100 8.42 38.64 9.37
C SER A 100 8.00 40.09 9.10
N GLN A 101 8.63 41.08 9.75
CA GLN A 101 8.14 42.45 9.63
C GLN A 101 8.55 43.13 8.32
N VAL A 102 9.84 43.11 7.98
CA VAL A 102 10.34 43.82 6.81
C VAL A 102 10.97 42.79 5.86
N GLU A 103 10.14 42.24 4.96
CA GLU A 103 10.60 41.45 3.82
C GLU A 103 10.95 42.33 2.65
N ARG A 104 11.13 43.64 2.91
CA ARG A 104 11.57 44.56 1.88
C ARG A 104 12.91 44.11 1.31
N ARG A 105 13.24 44.67 0.15
CA ARG A 105 14.56 44.41 -0.40
C ARG A 105 15.64 44.60 0.65
N LYS A 106 15.31 45.30 1.75
CA LYS A 106 16.25 45.42 2.86
C LYS A 106 16.63 44.03 3.38
N LEU A 107 15.65 43.12 3.51
CA LEU A 107 16.00 41.80 4.03
C LEU A 107 16.87 41.04 3.02
N LEU A 108 16.51 41.10 1.73
CA LEU A 108 17.34 40.51 0.68
C LEU A 108 18.77 41.04 0.69
N ILE A 109 18.95 42.36 0.79
CA ILE A 109 20.29 42.90 0.75
C ILE A 109 21.06 42.47 1.97
N CYS A 110 20.43 42.56 3.15
CA CYS A 110 21.07 42.11 4.38
C CYS A 110 21.51 40.66 4.25
N LEU A 111 20.63 39.80 3.73
CA LEU A 111 20.98 38.41 3.46
C LEU A 111 22.20 38.31 2.58
N PHE A 112 22.12 38.91 1.39
CA PHE A 112 23.18 38.76 0.42
C PHE A 112 24.50 39.29 0.96
N VAL A 113 24.46 40.32 1.78
CA VAL A 113 25.67 40.78 2.46
C VAL A 113 26.24 39.67 3.35
N VAL A 114 25.39 39.10 4.22
CA VAL A 114 25.79 38.01 5.12
C VAL A 114 26.27 36.79 4.31
N PHE A 115 25.63 36.51 3.16
CA PHE A 115 26.00 35.33 2.39
C PHE A 115 27.39 35.51 1.78
N ILE A 116 27.63 36.65 1.14
CA ILE A 116 28.91 36.86 0.46
C ILE A 116 30.03 36.92 1.50
N ALA A 117 29.74 37.50 2.66
CA ALA A 117 30.70 37.52 3.77
C ALA A 117 31.09 36.12 4.21
N SER A 118 30.09 35.26 4.47
CA SER A 118 30.41 33.89 4.89
C SER A 118 31.25 33.16 3.85
N HIS A 119 30.95 33.35 2.56
CA HIS A 119 31.72 32.66 1.53
C HIS A 119 33.14 33.16 1.51
N VAL A 120 33.29 34.47 1.73
CA VAL A 120 34.61 35.09 1.82
C VAL A 120 35.40 34.55 3.00
N LEU A 121 34.73 34.31 4.12
CA LEU A 121 35.40 33.70 5.25
C LEU A 121 35.80 32.24 4.96
N SER A 122 34.95 31.47 4.25
CA SER A 122 35.38 30.13 3.81
C SER A 122 36.60 30.20 2.92
N PHE A 123 36.71 31.26 2.12
CA PHE A 123 37.90 31.40 1.28
C PHE A 123 39.16 31.40 2.15
N LEU A 124 39.14 32.16 3.25
CA LEU A 124 40.29 32.36 4.13
C LEU A 124 40.33 31.46 5.37
N SER A 125 39.66 30.30 5.35
CA SER A 125 39.61 29.45 6.54
C SER A 125 40.97 28.78 6.81
N TRP A 126 41.43 28.92 8.05
CA TRP A 126 42.71 28.44 8.55
C TRP A 126 42.60 27.31 9.56
N SER A 127 41.40 26.78 9.74
CA SER A 127 41.08 25.67 10.62
C SER A 127 39.73 25.19 10.13
N PHE A 128 39.51 23.87 10.15
CA PHE A 128 38.18 23.36 9.83
C PHE A 128 37.09 24.05 10.64
N THR A 129 37.41 24.40 11.90
CA THR A 129 36.45 25.05 12.79
C THR A 129 35.99 26.37 12.20
N VAL A 130 36.92 27.10 11.60
CA VAL A 130 36.57 28.31 10.87
C VAL A 130 35.59 27.99 9.75
N LEU A 131 35.90 26.96 8.93
CA LEU A 131 35.07 26.66 7.78
C LEU A 131 33.64 26.33 8.23
N VAL A 132 33.52 25.55 9.32
CA VAL A 132 32.22 25.18 9.88
C VAL A 132 31.45 26.42 10.28
N ILE A 133 32.14 27.37 10.91
CA ILE A 133 31.49 28.65 11.25
C ILE A 133 30.99 29.37 10.00
N SER A 134 31.81 29.39 8.95
CA SER A 134 31.41 30.04 7.71
C SER A 134 30.19 29.33 7.10
N ARG A 135 30.19 28.00 7.12
CA ARG A 135 29.01 27.26 6.68
C ARG A 135 27.78 27.63 7.49
N ILE A 136 27.94 27.86 8.80
CA ILE A 136 26.80 28.27 9.60
C ILE A 136 26.22 29.57 9.07
N GLY A 137 27.09 30.51 8.70
CA GLY A 137 26.62 31.75 8.10
C GLY A 137 25.86 31.51 6.80
N VAL A 138 26.39 30.65 5.95
CA VAL A 138 25.66 30.33 4.71
C VAL A 138 24.28 29.78 5.07
N ALA A 139 24.20 29.01 6.15
CA ALA A 139 22.94 28.41 6.55
C ALA A 139 21.92 29.46 6.96
N PHE A 140 22.31 30.45 7.77
CA PHE A 140 21.38 31.52 8.17
C PHE A 140 20.86 32.24 6.94
N ALA A 141 21.78 32.57 6.03
CA ALA A 141 21.41 33.23 4.78
C ALA A 141 20.42 32.38 3.99
N ALA A 142 20.70 31.09 3.85
CA ALA A 142 19.81 30.21 3.12
C ALA A 142 18.46 30.10 3.83
N ALA A 143 18.46 30.03 5.16
CA ALA A 143 17.21 29.89 5.91
C ALA A 143 16.27 31.03 5.61
N ILE A 144 16.76 32.26 5.78
CA ILE A 144 15.96 33.45 5.48
C ILE A 144 15.71 33.61 3.98
N PHE A 145 16.72 33.31 3.17
CA PHE A 145 16.55 33.45 1.74
C PHE A 145 15.42 32.59 1.24
N TRP A 146 15.31 31.35 1.73
CA TRP A 146 14.39 30.42 1.11
C TRP A 146 12.96 30.80 1.40
N SER A 147 12.66 31.06 2.67
CA SER A 147 11.33 31.56 3.00
C SER A 147 10.99 32.80 2.17
N ILE A 148 11.89 33.78 2.17
CA ILE A 148 11.56 35.04 1.51
C ILE A 148 11.46 34.84 -0.01
N THR A 149 12.34 34.03 -0.60
CA THR A 149 12.41 33.85 -2.06
C THR A 149 11.23 33.08 -2.60
N ALA A 150 10.91 31.95 -1.96
CA ALA A 150 9.66 31.27 -2.31
C ALA A 150 8.52 32.29 -2.40
N SER A 151 8.31 33.03 -1.28
CA SER A 151 7.22 34.01 -1.23
C SER A 151 7.31 35.05 -2.35
N LEU A 152 8.53 35.56 -2.60
CA LEU A 152 8.74 36.74 -3.44
C LEU A 152 8.67 36.41 -4.94
N ALA A 153 9.06 35.20 -5.36
CA ALA A 153 9.06 34.93 -6.79
C ALA A 153 7.71 35.19 -7.43
N ILE A 154 6.61 34.85 -6.73
CA ILE A 154 5.28 35.05 -7.29
C ILE A 154 4.93 36.54 -7.30
N ARG A 155 5.11 37.20 -6.14
CA ARG A 155 4.62 38.57 -5.95
C ARG A 155 5.18 39.54 -6.98
N MET A 156 6.20 39.13 -7.75
CA MET A 156 6.87 39.98 -8.71
C MET A 156 6.59 39.51 -10.15
N ALA A 157 5.57 38.71 -10.37
CA ALA A 157 5.27 38.13 -11.67
C ALA A 157 3.76 38.06 -11.85
N PRO A 158 3.26 38.00 -13.11
CA PRO A 158 1.80 37.99 -13.35
C PRO A 158 1.09 36.68 -13.02
N ALA A 159 -0.24 36.60 -13.20
CA ALA A 159 -1.03 35.47 -12.69
C ALA A 159 -0.68 34.14 -13.37
N GLY A 160 -0.61 34.13 -14.72
CA GLY A 160 -0.19 32.92 -15.42
C GLY A 160 1.22 32.48 -15.10
N LYS A 161 2.11 33.43 -14.82
CA LYS A 161 3.43 33.11 -14.30
C LYS A 161 3.44 32.86 -12.80
N ARG A 162 2.29 32.75 -12.12
CA ARG A 162 2.35 32.32 -10.73
C ARG A 162 2.86 30.88 -10.62
N ALA A 163 2.49 30.02 -11.58
CA ALA A 163 3.09 28.70 -11.60
C ALA A 163 4.45 28.71 -12.31
N GLN A 164 4.55 29.40 -13.45
CA GLN A 164 5.81 29.36 -14.17
C GLN A 164 6.94 29.96 -13.34
N ALA A 165 6.63 30.95 -12.49
CA ALA A 165 7.67 31.52 -11.63
C ALA A 165 8.20 30.47 -10.67
N LEU A 166 7.30 29.67 -10.11
CA LEU A 166 7.72 28.52 -9.32
C LEU A 166 8.65 27.62 -10.15
N SER A 167 8.22 27.28 -11.38
CA SER A 167 9.03 26.43 -12.24
C SER A 167 10.40 27.08 -12.50
N LEU A 168 10.50 28.42 -12.53
CA LEU A 168 11.80 29.04 -12.75
C LEU A 168 12.74 28.85 -11.57
N ILE A 169 12.31 29.17 -10.35
CA ILE A 169 13.35 29.13 -9.32
C ILE A 169 13.68 27.67 -9.05
N ALA A 170 12.70 26.78 -9.21
CA ALA A 170 12.99 25.35 -9.15
C ALA A 170 14.05 24.96 -10.17
N THR A 171 13.93 25.49 -11.40
CA THR A 171 14.92 25.17 -12.42
C THR A 171 16.31 25.58 -11.94
N GLY A 172 16.37 26.72 -11.23
CA GLY A 172 17.66 27.15 -10.70
C GLY A 172 18.26 26.09 -9.82
N THR A 173 17.47 25.59 -8.86
CA THR A 173 17.99 24.57 -7.97
C THR A 173 18.40 23.33 -8.75
N ALA A 174 17.66 23.00 -9.83
CA ALA A 174 18.07 21.90 -10.71
C ALA A 174 19.42 22.19 -11.35
N LEU A 175 19.53 23.34 -11.98
CA LEU A 175 20.80 23.74 -12.53
C LEU A 175 21.85 23.72 -11.42
N ALA A 176 21.42 23.88 -10.16
CA ALA A 176 22.34 23.77 -9.03
C ALA A 176 22.93 22.36 -8.89
N MET A 177 22.08 21.34 -8.83
CA MET A 177 22.67 20.02 -8.65
C MET A 177 23.18 19.43 -9.97
N VAL A 178 22.63 19.86 -11.10
CA VAL A 178 22.99 19.25 -12.39
C VAL A 178 24.29 19.83 -12.92
N LEU A 179 24.40 21.15 -12.88
CA LEU A 179 25.55 21.90 -13.35
C LEU A 179 26.34 22.52 -12.20
N GLY A 180 25.65 23.02 -11.17
CA GLY A 180 26.30 23.81 -10.15
C GLY A 180 27.34 23.06 -9.33
N LEU A 181 27.00 21.84 -8.88
CA LEU A 181 27.96 21.09 -8.10
C LEU A 181 29.20 20.75 -8.92
N PRO A 182 29.09 20.23 -10.15
CA PRO A 182 30.31 19.90 -10.92
C PRO A 182 31.13 21.11 -11.34
N LEU A 183 30.51 22.25 -11.64
CA LEU A 183 31.32 23.44 -11.89
C LEU A 183 32.11 23.82 -10.63
N GLY A 184 31.45 23.82 -9.46
CA GLY A 184 32.16 24.09 -8.21
C GLY A 184 33.32 23.14 -7.97
N ARG A 185 33.14 21.88 -8.32
CA ARG A 185 34.19 20.90 -8.09
C ARG A 185 35.34 21.10 -9.06
N ILE A 186 35.06 21.44 -10.31
CA ILE A 186 36.17 21.65 -11.24
C ILE A 186 36.89 22.97 -10.95
N VAL A 187 36.16 24.01 -10.52
CA VAL A 187 36.81 25.26 -10.12
C VAL A 187 37.68 25.03 -8.88
N GLY A 188 37.33 24.03 -8.05
CA GLY A 188 38.24 23.61 -6.97
C GLY A 188 39.43 22.81 -7.47
N GLN A 189 39.22 21.94 -8.45
CA GLN A 189 40.33 21.19 -9.03
C GLN A 189 41.34 22.10 -9.66
N TYR A 190 40.90 23.19 -10.25
CA TYR A 190 41.86 24.10 -10.84
C TYR A 190 42.52 24.99 -9.81
N PHE A 191 41.72 25.70 -9.03
CA PHE A 191 42.26 26.81 -8.27
C PHE A 191 42.10 26.63 -6.77
N GLY A 192 41.99 25.38 -6.28
CA GLY A 192 41.64 25.26 -4.88
C GLY A 192 40.14 25.42 -4.62
N TRP A 193 39.65 24.66 -3.64
CA TRP A 193 38.27 24.88 -3.24
C TRP A 193 38.05 26.28 -2.68
N ARG A 194 39.10 26.96 -2.22
CA ARG A 194 38.97 28.36 -1.85
C ARG A 194 38.44 29.16 -3.03
N MET A 195 39.02 28.91 -4.20
CA MET A 195 38.54 29.57 -5.41
C MET A 195 37.14 29.10 -5.77
N THR A 196 36.82 27.84 -5.49
CA THR A 196 35.44 27.38 -5.61
C THR A 196 34.47 28.29 -4.84
N PHE A 197 34.63 28.33 -3.52
CA PHE A 197 33.75 29.14 -2.67
C PHE A 197 33.82 30.61 -3.04
N PHE A 198 34.99 31.05 -3.50
CA PHE A 198 35.18 32.43 -3.91
C PHE A 198 34.36 32.77 -5.15
N ALA A 199 34.43 31.92 -6.17
CA ALA A 199 33.63 32.09 -7.36
C ALA A 199 32.13 32.09 -7.03
N ILE A 200 31.74 31.30 -6.02
CA ILE A 200 30.33 31.29 -5.62
C ILE A 200 29.94 32.61 -4.97
N GLY A 201 30.79 33.11 -4.07
CA GLY A 201 30.50 34.41 -3.47
C GLY A 201 30.45 35.50 -4.51
N ILE A 202 31.20 35.31 -5.60
CA ILE A 202 31.26 36.29 -6.67
C ILE A 202 29.95 36.33 -7.43
N GLY A 203 29.37 35.14 -7.70
CA GLY A 203 28.01 35.11 -8.24
C GLY A 203 27.00 35.77 -7.30
N ALA A 204 27.18 35.56 -6.00
CA ALA A 204 26.33 36.21 -4.99
C ALA A 204 26.43 37.74 -5.04
N LEU A 205 27.65 38.25 -5.24
CA LEU A 205 27.87 39.71 -5.29
C LEU A 205 27.22 40.34 -6.51
N ILE A 206 27.44 39.76 -7.69
CA ILE A 206 26.85 40.38 -8.87
C ILE A 206 25.32 40.32 -8.75
N THR A 207 24.79 39.25 -8.12
CA THR A 207 23.35 39.23 -7.94
C THR A 207 22.85 40.18 -6.83
N LEU A 208 23.64 40.43 -5.78
CA LEU A 208 23.24 41.45 -4.80
C LEU A 208 23.12 42.81 -5.49
N LEU A 209 24.06 43.10 -6.38
CA LEU A 209 23.93 44.33 -7.14
C LEU A 209 22.67 44.33 -7.98
N CYS A 210 22.46 43.26 -8.76
CA CYS A 210 21.25 43.20 -9.57
C CYS A 210 20.02 43.42 -8.73
N LEU A 211 20.00 42.84 -7.54
CA LEU A 211 18.86 42.97 -6.67
C LEU A 211 18.69 44.44 -6.30
N ILE A 212 19.77 45.09 -5.87
CA ILE A 212 19.62 46.48 -5.46
C ILE A 212 19.03 47.31 -6.61
N LYS A 213 19.43 46.99 -7.84
CA LYS A 213 19.04 47.77 -9.00
C LYS A 213 17.73 47.27 -9.63
N LEU A 214 17.12 46.21 -9.09
CA LEU A 214 15.84 45.70 -9.57
C LEU A 214 14.82 45.40 -8.49
N LEU A 215 15.24 45.16 -7.23
CA LEU A 215 14.27 45.00 -6.18
C LEU A 215 13.30 46.17 -6.23
N PRO A 216 12.04 45.92 -6.03
CA PRO A 216 11.07 47.02 -6.09
C PRO A 216 10.65 47.60 -4.74
N LEU A 217 11.50 47.51 -3.71
CA LEU A 217 11.18 47.97 -2.35
C LEU A 217 10.06 47.15 -1.74
N LEU A 218 9.82 45.98 -2.33
CA LEU A 218 8.66 45.16 -2.02
C LEU A 218 8.71 44.67 -0.58
N PRO A 219 7.59 44.78 0.20
CA PRO A 219 7.41 44.33 1.59
C PRO A 219 6.33 43.29 1.80
N GLY A 224 1.35 34.93 6.83
CA GLY A 224 1.52 34.22 8.09
C GLY A 224 0.53 33.09 8.21
N SER A 225 0.97 31.87 7.83
CA SER A 225 0.13 30.67 7.95
C SER A 225 0.69 29.68 8.96
N LEU A 226 1.27 30.16 10.04
CA LEU A 226 1.94 29.23 10.95
C LEU A 226 0.98 28.60 11.94
N LYS A 227 -0.20 29.22 12.18
CA LYS A 227 -1.24 28.60 13.01
C LYS A 227 -1.73 27.27 12.43
N SER A 228 -1.49 27.06 11.14
CA SER A 228 -1.77 25.78 10.49
C SER A 228 -0.92 24.67 11.09
N LEU A 229 0.25 25.01 11.62
CA LEU A 229 1.27 24.03 12.01
C LEU A 229 0.76 22.94 12.95
N PRO A 230 0.02 23.23 14.04
CA PRO A 230 -0.42 22.12 14.91
C PRO A 230 -1.37 21.15 14.22
N LEU A 231 -2.24 21.63 13.33
CA LEU A 231 -3.15 20.76 12.58
C LEU A 231 -2.40 19.72 11.75
N LEU A 232 -1.37 20.16 11.01
CA LEU A 232 -0.56 19.20 10.28
C LEU A 232 0.09 18.21 11.25
N PHE A 233 0.54 18.69 12.41
CA PHE A 233 1.16 17.80 13.39
C PHE A 233 0.16 16.76 13.88
N ARG A 234 -1.14 16.98 13.67
CA ARG A 234 -2.17 16.03 14.08
C ARG A 234 -2.50 14.98 13.02
N ARG A 235 -2.47 15.32 11.73
CA ARG A 235 -2.88 14.35 10.71
C ARG A 235 -1.86 13.24 10.54
N PRO A 236 -2.24 11.98 10.76
CA PRO A 236 -1.25 10.92 10.74
C PRO A 236 -0.70 10.65 9.37
N ALA A 237 -1.48 10.86 8.31
CA ALA A 237 -0.95 10.62 6.98
C ALA A 237 0.22 11.56 6.67
N LEU A 238 0.03 12.86 6.90
CA LEU A 238 1.10 13.82 6.62
C LEU A 238 2.34 13.57 7.48
N MET A 239 2.15 13.40 8.80
CA MET A 239 3.28 13.08 9.66
C MET A 239 3.97 11.78 9.26
N SER A 240 3.23 10.82 8.73
CA SER A 240 3.88 9.60 8.29
C SER A 240 4.64 9.81 6.98
N ILE A 241 4.15 10.65 6.09
CA ILE A 241 4.97 10.98 4.93
C ILE A 241 6.26 11.66 5.38
N TYR A 242 6.15 12.54 6.38
CA TYR A 242 7.33 13.23 6.92
C TYR A 242 8.36 12.22 7.44
N LEU A 243 7.89 11.24 8.21
CA LEU A 243 8.75 10.15 8.68
C LEU A 243 9.42 9.43 7.52
N LEU A 244 8.63 9.03 6.52
CA LEU A 244 9.18 8.21 5.45
C LEU A 244 10.26 8.99 4.72
N THR A 245 10.02 10.29 4.50
CA THR A 245 11.06 11.13 3.94
C THR A 245 12.33 11.08 4.78
N VAL A 246 12.20 11.36 6.09
CA VAL A 246 13.41 11.43 6.91
C VAL A 246 14.22 10.14 6.80
N VAL A 247 13.56 8.99 6.84
CA VAL A 247 14.30 7.71 6.80
C VAL A 247 14.97 7.48 5.42
N VAL A 248 14.25 7.73 4.32
CA VAL A 248 14.83 7.44 3.00
C VAL A 248 15.97 8.41 2.71
N VAL A 249 15.79 9.66 3.11
CA VAL A 249 16.84 10.65 2.91
C VAL A 249 18.05 10.39 3.79
N THR A 250 17.86 9.87 5.02
CA THR A 250 19.03 9.46 5.77
C THR A 250 19.77 8.34 5.07
N ALA A 251 19.06 7.36 4.51
CA ALA A 251 19.75 6.33 3.72
C ALA A 251 20.59 6.97 2.60
N HIS A 252 19.93 7.82 1.81
CA HIS A 252 20.55 8.38 0.62
C HIS A 252 21.77 9.21 0.97
N TYR A 253 21.66 10.06 1.99
CA TYR A 253 22.79 10.91 2.29
C TYR A 253 23.88 10.19 3.10
N THR A 254 23.55 9.09 3.82
CA THR A 254 24.58 8.23 4.40
C THR A 254 25.56 7.78 3.35
N ALA A 255 25.05 7.42 2.16
CA ALA A 255 26.03 7.06 1.13
C ALA A 255 26.52 8.27 0.32
N TYR A 256 25.60 9.12 -0.15
CA TYR A 256 25.96 10.15 -1.11
C TYR A 256 26.93 11.15 -0.52
N SER A 257 26.77 11.54 0.77
CA SER A 257 27.60 12.60 1.33
C SER A 257 29.07 12.31 1.11
N TYR A 258 29.47 11.05 1.24
CA TYR A 258 30.85 10.64 1.10
C TYR A 258 31.09 9.91 -0.20
N ILE A 259 30.51 10.41 -1.30
CA ILE A 259 30.72 9.71 -2.55
C ILE A 259 32.07 10.03 -3.14
N GLU A 260 32.47 11.32 -3.11
CA GLU A 260 33.77 11.67 -3.68
C GLU A 260 34.89 10.93 -2.94
N PRO A 261 35.02 11.08 -1.61
CA PRO A 261 36.02 10.28 -0.88
C PRO A 261 35.87 8.79 -1.12
N PHE A 262 34.66 8.31 -1.41
CA PHE A 262 34.48 6.89 -1.74
C PHE A 262 35.13 6.53 -3.07
N VAL A 263 34.81 7.29 -4.11
CA VAL A 263 35.33 6.96 -5.42
C VAL A 263 36.85 7.00 -5.41
N GLN A 264 37.45 7.98 -4.73
CA GLN A 264 38.90 8.01 -4.76
C GLN A 264 39.45 6.98 -3.79
N ASN A 265 39.25 7.22 -2.49
CA ASN A 265 39.92 6.45 -1.45
C ASN A 265 39.63 4.95 -1.49
N ILE A 266 38.50 4.51 -2.04
CA ILE A 266 38.05 3.14 -1.87
C ILE A 266 37.94 2.38 -3.20
N ALA A 267 37.43 3.02 -4.23
CA ALA A 267 37.51 2.40 -5.54
C ALA A 267 38.90 2.57 -6.12
N GLY A 268 39.67 3.53 -5.61
CA GLY A 268 41.02 3.75 -6.09
C GLY A 268 41.07 4.58 -7.35
N PHE A 269 39.93 5.10 -7.78
CA PHE A 269 39.80 5.77 -9.06
C PHE A 269 40.21 7.24 -8.96
N SER A 270 40.29 7.88 -10.13
CA SER A 270 40.73 9.25 -10.28
C SER A 270 39.83 10.23 -9.52
N ALA A 271 40.26 11.51 -9.52
CA ALA A 271 39.47 12.65 -9.05
C ALA A 271 38.53 13.18 -10.14
N ASN A 272 39.00 13.18 -11.39
CA ASN A 272 38.12 13.48 -12.53
C ASN A 272 36.94 12.51 -12.64
N PHE A 273 37.16 11.25 -12.29
CA PHE A 273 36.06 10.28 -12.36
C PHE A 273 34.96 10.65 -11.37
N ALA A 274 35.35 11.12 -10.18
CA ALA A 274 34.35 11.61 -9.24
C ALA A 274 33.58 12.76 -9.85
N THR A 275 34.27 13.61 -10.61
CA THR A 275 33.54 14.69 -11.29
C THR A 275 32.53 14.14 -12.32
N ALA A 276 32.91 13.11 -13.05
CA ALA A 276 31.97 12.45 -13.96
C ALA A 276 30.73 11.93 -13.23
N LEU A 277 30.94 11.33 -12.05
CA LEU A 277 29.80 10.79 -11.30
C LEU A 277 28.87 11.88 -10.85
N LEU A 278 29.40 13.02 -10.41
CA LEU A 278 28.47 14.07 -9.99
C LEU A 278 27.66 14.60 -11.17
N LEU A 279 28.32 14.80 -12.33
CA LEU A 279 27.56 15.17 -13.53
C LEU A 279 26.51 14.11 -13.90
N LEU A 280 26.86 12.83 -13.73
CA LEU A 280 25.95 11.74 -14.11
C LEU A 280 24.72 11.69 -13.21
N LEU A 281 24.93 11.90 -11.90
CA LEU A 281 23.82 11.96 -10.96
C LEU A 281 22.87 13.06 -11.38
N GLY A 282 23.42 14.21 -11.80
CA GLY A 282 22.57 15.27 -12.31
C GLY A 282 21.73 14.84 -13.52
N GLY A 283 22.39 14.24 -14.51
CA GLY A 283 21.64 13.81 -15.67
C GLY A 283 20.56 12.79 -15.36
N ALA A 284 20.85 11.88 -14.42
CA ALA A 284 19.86 10.87 -14.02
C ALA A 284 18.68 11.49 -13.30
N GLY A 285 18.91 12.56 -12.53
CA GLY A 285 17.80 13.36 -12.02
C GLY A 285 16.97 13.96 -13.13
N ILE A 286 17.62 14.37 -14.23
CA ILE A 286 16.84 14.86 -15.37
C ILE A 286 15.97 13.73 -15.93
N ILE A 287 16.57 12.54 -16.05
CA ILE A 287 15.84 11.38 -16.57
C ILE A 287 14.73 10.96 -15.62
N GLY A 288 14.97 11.04 -14.30
CA GLY A 288 13.94 10.70 -13.34
C GLY A 288 12.77 11.66 -13.39
N SER A 289 13.06 12.93 -13.65
CA SER A 289 11.99 13.91 -13.87
C SER A 289 11.16 13.53 -15.10
N VAL A 290 11.80 13.17 -16.20
CA VAL A 290 10.99 12.88 -17.38
C VAL A 290 10.30 11.54 -17.23
N ILE A 291 10.90 10.58 -16.53
CA ILE A 291 10.26 9.28 -16.29
C ILE A 291 9.01 9.45 -15.45
N PHE A 292 9.13 10.25 -14.39
CA PHE A 292 8.03 10.60 -13.50
C PHE A 292 6.95 11.37 -14.24
N GLY A 293 7.37 12.36 -15.05
CA GLY A 293 6.43 13.15 -15.82
C GLY A 293 5.72 12.31 -16.86
N LYS A 294 6.43 11.34 -17.43
CA LYS A 294 5.85 10.38 -18.37
C LYS A 294 4.85 9.45 -17.69
N LEU A 295 5.25 8.82 -16.58
CA LEU A 295 4.38 7.84 -15.95
C LEU A 295 3.12 8.51 -15.41
N GLY A 296 3.24 9.67 -14.80
CA GLY A 296 2.08 10.32 -14.22
C GLY A 296 1.90 9.91 -12.77
N ASN A 297 0.94 10.58 -12.12
CA ASN A 297 0.72 10.42 -10.68
C ASN A 297 -0.12 9.20 -10.29
N GLN A 298 -0.83 8.55 -11.22
CA GLN A 298 -1.51 7.31 -10.88
C GLN A 298 -0.54 6.32 -10.26
N TYR A 299 0.68 6.26 -10.78
CA TYR A 299 1.69 5.35 -10.31
C TYR A 299 2.64 6.00 -9.31
N ALA A 300 2.28 7.19 -8.77
CA ALA A 300 3.18 7.96 -7.92
C ALA A 300 3.66 7.12 -6.74
N SER A 301 2.71 6.65 -5.92
CA SER A 301 3.01 5.72 -4.83
C SER A 301 3.84 4.57 -5.36
N ALA A 302 3.34 3.92 -6.42
CA ALA A 302 4.05 2.82 -7.05
C ALA A 302 5.45 3.26 -7.45
N LEU A 303 5.55 4.34 -8.23
CA LEU A 303 6.85 4.78 -8.68
C LEU A 303 7.77 4.85 -7.48
N VAL A 304 7.32 5.56 -6.44
CA VAL A 304 8.17 5.79 -5.27
C VAL A 304 8.55 4.48 -4.61
N SER A 305 7.59 3.62 -4.35
CA SER A 305 7.95 2.42 -3.63
C SER A 305 8.95 1.66 -4.48
N THR A 306 8.68 1.53 -5.78
CA THR A 306 9.65 0.84 -6.63
C THR A 306 10.98 1.56 -6.62
N ALA A 307 10.98 2.89 -6.66
CA ALA A 307 12.24 3.62 -6.61
C ALA A 307 12.99 3.36 -5.31
N ILE A 308 12.27 3.27 -4.17
CA ILE A 308 12.96 2.96 -2.92
C ILE A 308 13.61 1.60 -3.02
N ALA A 309 12.91 0.63 -3.64
CA ALA A 309 13.53 -0.65 -3.95
C ALA A 309 14.84 -0.47 -4.74
N LEU A 310 14.77 0.31 -5.85
CA LEU A 310 16.00 0.63 -6.60
C LEU A 310 17.10 1.12 -5.68
N LEU A 311 16.77 2.05 -4.79
CA LEU A 311 17.78 2.67 -3.92
C LEU A 311 18.44 1.61 -3.04
N LEU A 312 17.63 0.69 -2.48
CA LEU A 312 18.19 -0.41 -1.69
C LEU A 312 19.15 -1.21 -2.55
N VAL A 313 18.74 -1.55 -3.77
CA VAL A 313 19.64 -2.25 -4.69
C VAL A 313 20.95 -1.46 -4.85
N CYS A 314 20.83 -0.16 -5.13
CA CYS A 314 22.03 0.62 -5.38
C CYS A 314 22.93 0.65 -4.17
N LEU A 315 22.36 0.84 -2.96
CA LEU A 315 23.19 0.90 -1.76
C LEU A 315 23.81 -0.44 -1.44
N ALA A 316 23.08 -1.54 -1.72
CA ALA A 316 23.64 -2.86 -1.48
C ALA A 316 24.79 -3.13 -2.44
N LEU A 317 24.54 -2.96 -3.74
CA LEU A 317 25.54 -3.12 -4.82
C LEU A 317 26.61 -1.92 -4.91
N LEU A 318 26.70 -0.96 -3.97
CA LEU A 318 27.63 0.14 -4.12
C LEU A 318 29.08 -0.33 -4.10
N LEU A 319 29.46 -1.04 -3.05
CA LEU A 319 30.84 -1.53 -2.98
C LEU A 319 31.18 -2.51 -4.10
N PRO A 320 30.36 -3.55 -4.37
CA PRO A 320 30.67 -4.45 -5.48
C PRO A 320 30.82 -3.75 -6.81
N ALA A 321 30.06 -2.69 -7.07
CA ALA A 321 30.17 -1.98 -8.33
C ALA A 321 31.47 -1.20 -8.42
N ALA A 322 32.31 -1.17 -7.37
CA ALA A 322 33.60 -0.47 -7.40
C ALA A 322 34.75 -1.27 -8.05
N ASN A 323 34.63 -2.58 -8.17
CA ASN A 323 35.72 -3.36 -8.73
C ASN A 323 35.97 -3.00 -10.17
N SER A 324 35.00 -2.34 -10.81
CA SER A 324 35.13 -1.86 -12.18
C SER A 324 34.52 -0.48 -12.23
N GLU A 325 35.04 0.33 -13.15
CA GLU A 325 34.54 1.68 -13.36
C GLU A 325 33.14 1.69 -13.98
N ILE A 326 32.92 0.90 -15.03
CA ILE A 326 31.64 0.99 -15.73
C ILE A 326 30.47 0.57 -14.83
N HIS A 327 30.72 -0.34 -13.88
CA HIS A 327 29.70 -0.76 -12.92
C HIS A 327 29.21 0.42 -12.08
N LEU A 328 30.14 1.21 -11.53
CA LEU A 328 29.73 2.37 -10.77
C LEU A 328 29.03 3.37 -11.67
N GLY A 329 29.35 3.38 -12.96
CA GLY A 329 28.66 4.32 -13.85
C GLY A 329 27.19 3.96 -14.03
N VAL A 330 26.94 2.69 -14.32
CA VAL A 330 25.58 2.21 -14.37
C VAL A 330 24.86 2.54 -13.06
N LEU A 331 25.50 2.19 -11.93
CA LEU A 331 24.87 2.36 -10.61
C LEU A 331 24.54 3.83 -10.34
N SER A 332 25.36 4.76 -10.84
CA SER A 332 25.03 6.18 -10.69
C SER A 332 23.79 6.53 -11.47
N ILE A 333 23.72 6.13 -12.75
CA ILE A 333 22.51 6.43 -13.53
C ILE A 333 21.28 5.96 -12.74
N PHE A 334 21.30 4.70 -12.32
CA PHE A 334 20.17 4.15 -11.59
C PHE A 334 19.89 4.92 -10.30
N TRP A 335 20.95 5.24 -9.55
CA TRP A 335 20.79 5.93 -8.27
C TRP A 335 20.11 7.27 -8.47
N GLY A 336 20.54 8.02 -9.50
CA GLY A 336 20.02 9.36 -9.73
C GLY A 336 18.56 9.36 -10.16
N ILE A 337 18.23 8.49 -11.12
CA ILE A 337 16.83 8.32 -11.50
C ILE A 337 15.99 8.00 -10.26
N ALA A 338 16.50 7.09 -9.43
CA ALA A 338 15.77 6.60 -8.26
C ALA A 338 15.46 7.71 -7.29
N MET A 339 16.48 8.44 -6.86
CA MET A 339 16.25 9.42 -5.80
C MET A 339 15.45 10.59 -6.34
N MET A 340 15.57 10.89 -7.65
CA MET A 340 14.73 11.92 -8.22
C MET A 340 13.27 11.54 -8.13
N ILE A 341 12.95 10.30 -8.56
CA ILE A 341 11.57 9.84 -8.54
C ILE A 341 11.03 9.78 -7.12
N ILE A 342 11.84 9.27 -6.16
CA ILE A 342 11.47 9.30 -4.73
C ILE A 342 11.14 10.71 -4.28
N GLY A 343 11.99 11.66 -4.63
CA GLY A 343 11.72 13.02 -4.21
C GLY A 343 10.39 13.53 -4.74
N LEU A 344 10.19 13.41 -6.07
CA LEU A 344 8.99 13.94 -6.70
C LEU A 344 7.74 13.27 -6.12
N GLY A 345 7.84 11.97 -5.82
CA GLY A 345 6.74 11.28 -5.19
C GLY A 345 6.42 11.77 -3.78
N MET A 346 7.45 11.84 -2.90
CA MET A 346 7.17 12.36 -1.54
C MET A 346 6.57 13.76 -1.62
N GLN A 347 7.07 14.56 -2.56
CA GLN A 347 6.58 15.93 -2.73
C GLN A 347 5.10 15.90 -3.08
N VAL A 348 4.74 15.13 -4.11
CA VAL A 348 3.34 15.02 -4.49
C VAL A 348 2.51 14.57 -3.30
N LYS A 349 3.05 13.62 -2.52
CA LYS A 349 2.28 13.10 -1.41
C LYS A 349 2.05 14.16 -0.32
N VAL A 350 3.07 14.95 0.02
CA VAL A 350 2.83 16.00 1.01
C VAL A 350 1.89 17.05 0.45
N LEU A 351 1.94 17.26 -0.87
CA LEU A 351 1.01 18.20 -1.51
C LEU A 351 -0.44 17.74 -1.37
N ALA A 352 -0.72 16.47 -1.71
CA ALA A 352 -2.09 15.99 -1.62
C ALA A 352 -2.57 15.85 -0.19
N LEU A 353 -1.68 15.48 0.75
CA LEU A 353 -2.06 15.25 2.14
C LEU A 353 -2.33 16.55 2.91
N ALA A 354 -1.91 17.69 2.37
CA ALA A 354 -2.23 18.99 2.95
C ALA A 354 -2.51 19.96 1.83
N PRO A 355 -3.72 19.90 1.24
CA PRO A 355 -4.08 20.87 0.20
C PRO A 355 -4.42 22.23 0.76
N ASP A 356 -4.73 22.29 2.06
CA ASP A 356 -5.05 23.54 2.74
C ASP A 356 -3.81 24.40 3.01
N ALA A 357 -2.65 23.79 3.40
CA ALA A 357 -1.40 24.52 3.74
C ALA A 357 -0.22 24.03 2.88
N THR A 358 -0.20 24.41 1.60
CA THR A 358 0.90 24.00 0.71
C THR A 358 2.23 24.60 1.16
N ASP A 359 2.21 25.87 1.59
CA ASP A 359 3.42 26.54 2.04
C ASP A 359 4.02 25.86 3.27
N VAL A 360 3.28 25.84 4.37
CA VAL A 360 3.83 25.33 5.62
C VAL A 360 4.28 23.89 5.48
N ALA A 361 3.54 23.11 4.69
CA ALA A 361 3.90 21.70 4.46
C ALA A 361 5.20 21.59 3.68
N MET A 362 5.38 22.40 2.62
CA MET A 362 6.67 22.35 1.92
C MET A 362 7.81 22.85 2.80
N ALA A 363 7.51 23.78 3.71
CA ALA A 363 8.52 24.26 4.66
C ALA A 363 8.91 23.14 5.62
N LEU A 364 7.92 22.54 6.27
CA LEU A 364 8.17 21.37 7.09
C LEU A 364 8.85 20.31 6.27
N PHE A 365 8.55 20.27 4.98
CA PHE A 365 9.13 19.26 4.11
C PHE A 365 10.63 19.46 3.89
N SER A 366 11.03 20.65 3.40
CA SER A 366 12.47 20.90 3.29
C SER A 366 13.15 20.80 4.65
N GLY A 367 12.47 21.19 5.73
CA GLY A 367 13.00 21.07 7.07
C GLY A 367 13.34 19.65 7.43
N ILE A 368 12.36 18.75 7.34
CA ILE A 368 12.69 17.38 7.65
C ILE A 368 13.64 16.80 6.60
N PHE A 369 13.62 17.33 5.38
CA PHE A 369 14.55 16.84 4.37
C PHE A 369 15.99 17.16 4.77
N ASN A 370 16.28 18.43 5.07
CA ASN A 370 17.63 18.76 5.56
C ASN A 370 17.94 18.04 6.87
N ILE A 371 16.92 17.79 7.69
CA ILE A 371 17.14 16.97 8.87
C ILE A 371 17.79 15.67 8.46
N GLY A 372 17.23 15.05 7.42
CA GLY A 372 17.76 13.78 6.94
C GLY A 372 19.09 13.91 6.24
N ILE A 373 19.29 15.01 5.51
CA ILE A 373 20.57 15.22 4.85
C ILE A 373 21.69 15.16 5.87
N GLY A 374 21.53 15.94 6.95
CA GLY A 374 22.50 15.93 8.04
C GLY A 374 22.55 14.61 8.80
N ALA A 375 21.38 13.95 8.98
CA ALA A 375 21.36 12.66 9.65
C ALA A 375 22.17 11.63 8.88
N GLY A 376 21.98 11.59 7.55
CA GLY A 376 22.74 10.70 6.70
C GLY A 376 24.22 11.03 6.68
N ALA A 377 24.57 12.31 6.57
CA ALA A 377 25.98 12.67 6.64
C ALA A 377 26.56 12.24 7.98
N LEU A 378 25.80 12.44 9.05
CA LEU A 378 26.32 12.10 10.36
C LEU A 378 26.52 10.60 10.52
N VAL A 379 25.57 9.78 10.07
CA VAL A 379 25.79 8.35 10.18
C VAL A 379 26.87 7.91 9.22
N GLY A 380 26.90 8.47 8.01
CA GLY A 380 28.01 8.18 7.12
C GLY A 380 29.33 8.51 7.77
N ASN A 381 29.41 9.65 8.46
CA ASN A 381 30.62 9.99 9.19
C ASN A 381 30.92 8.93 10.21
N GLN A 382 29.92 8.57 11.02
CA GLN A 382 30.17 7.59 12.06
C GLN A 382 30.66 6.26 11.49
N VAL A 383 30.05 5.80 10.40
CA VAL A 383 30.41 4.50 9.83
C VAL A 383 31.75 4.59 9.13
N SER A 384 32.05 5.71 8.49
CA SER A 384 33.36 5.88 7.89
C SER A 384 34.44 5.85 8.96
N LEU A 385 34.20 6.54 10.09
CA LEU A 385 35.21 6.69 11.12
C LEU A 385 35.43 5.40 11.91
N HIS A 386 34.37 4.70 12.33
CA HIS A 386 34.52 3.54 13.21
C HIS A 386 34.61 2.20 12.46
N TRP A 387 33.70 1.94 11.53
CA TRP A 387 33.85 0.85 10.56
C TRP A 387 34.61 1.43 9.36
N SER A 388 34.79 0.65 8.30
CA SER A 388 35.32 1.21 7.04
C SER A 388 34.30 2.08 6.32
N MET A 389 34.77 3.14 5.65
CA MET A 389 33.88 3.86 4.76
C MET A 389 33.34 2.97 3.65
N SER A 390 34.06 1.88 3.34
CA SER A 390 33.63 0.92 2.31
C SER A 390 32.28 0.29 2.59
N MET A 391 31.82 0.36 3.84
CA MET A 391 30.54 -0.20 4.21
C MET A 391 29.38 0.81 4.17
N ILE A 392 29.62 2.10 3.83
CA ILE A 392 28.51 3.05 3.93
C ILE A 392 27.30 2.54 3.14
N GLY A 393 27.52 2.15 1.87
CA GLY A 393 26.42 1.60 1.07
C GLY A 393 25.64 0.50 1.80
N TYR A 394 26.37 -0.48 2.35
CA TYR A 394 25.69 -1.53 3.08
C TYR A 394 24.89 -0.93 4.24
N VAL A 395 25.54 -0.14 5.08
CA VAL A 395 24.81 0.47 6.19
C VAL A 395 23.60 1.21 5.67
N GLY A 396 23.78 1.97 4.57
CA GLY A 396 22.70 2.79 4.05
C GLY A 396 21.45 2.00 3.72
N ALA A 397 21.61 0.75 3.30
CA ALA A 397 20.45 -0.05 2.93
C ALA A 397 19.50 -0.24 4.11
N VAL A 398 20.01 -0.18 5.33
CA VAL A 398 19.18 -0.49 6.48
C VAL A 398 18.04 0.52 6.54
N PRO A 399 18.30 1.85 6.63
CA PRO A 399 17.15 2.77 6.59
C PRO A 399 16.30 2.63 5.34
N ALA A 400 16.93 2.52 4.16
CA ALA A 400 16.20 2.33 2.89
C ALA A 400 15.14 1.24 2.99
N PHE A 401 15.57 0.03 3.40
CA PHE A 401 14.62 -1.07 3.62
C PHE A 401 13.43 -0.65 4.48
N ALA A 402 13.73 -0.10 5.67
CA ALA A 402 12.70 0.45 6.54
C ALA A 402 11.73 1.27 5.68
N ALA A 403 12.26 2.31 5.01
CA ALA A 403 11.43 3.12 4.14
C ALA A 403 10.56 2.23 3.25
N LEU A 404 11.20 1.35 2.49
CA LEU A 404 10.50 0.50 1.53
C LEU A 404 9.30 -0.20 2.17
N ILE A 405 9.53 -0.94 3.26
CA ILE A 405 8.44 -1.59 3.99
C ILE A 405 7.37 -0.58 4.37
N TRP A 406 7.78 0.39 5.19
CA TRP A 406 6.88 1.45 5.61
C TRP A 406 6.20 2.06 4.40
N SER A 407 6.99 2.36 3.35
CA SER A 407 6.43 2.96 2.14
C SER A 407 5.24 2.15 1.67
N ILE A 408 5.48 0.86 1.40
CA ILE A 408 4.41 -0.01 0.93
C ILE A 408 3.20 0.15 1.83
N ILE A 409 3.40 -0.04 3.14
CA ILE A 409 2.31 0.01 4.10
C ILE A 409 1.48 1.28 3.92
N ILE A 410 2.12 2.46 3.99
CA ILE A 410 1.36 3.72 4.09
C ILE A 410 0.72 4.07 2.76
N PHE A 411 1.30 3.59 1.67
CA PHE A 411 0.72 3.84 0.36
C PHE A 411 -0.50 2.96 0.12
N ARG A 412 -0.58 1.86 0.87
CA ARG A 412 -1.82 1.13 0.87
C ARG A 412 -2.93 1.97 1.48
N ARG A 413 -2.60 2.69 2.57
CA ARG A 413 -3.58 3.24 3.52
C ARG A 413 -4.18 4.60 3.16
N TRP A 414 -3.46 5.48 2.49
CA TRP A 414 -4.01 6.78 2.11
C TRP A 414 -3.73 6.97 0.62
N PRO A 415 -4.39 6.21 -0.23
CA PRO A 415 -4.04 6.37 -1.67
C PRO A 415 -4.62 7.62 -2.31
N VAL A 416 -4.01 8.76 -1.94
CA VAL A 416 -4.40 10.10 -2.36
C VAL A 416 -3.22 10.84 -3.05
N THR A 417 -3.52 11.50 -4.19
CA THR A 417 -2.54 12.07 -5.13
C THR A 417 -3.13 13.36 -5.72
N LEU A 418 -2.33 14.05 -6.55
CA LEU A 418 -2.74 15.21 -7.34
C LEU A 418 -3.13 14.76 -8.73
N GLU A 419 -3.43 15.71 -9.60
CA GLU A 419 -3.89 15.37 -10.95
C GLU A 419 -3.36 16.30 -12.07
N ARG B 35 19.23 -57.76 -11.28
CA ARG B 35 19.58 -56.62 -12.10
C ARG B 35 18.59 -55.44 -11.99
N LYS B 36 17.38 -55.61 -12.57
CA LYS B 36 16.28 -54.66 -12.41
C LYS B 36 15.71 -54.67 -11.01
N VAL B 37 15.90 -55.78 -10.31
CA VAL B 37 15.59 -55.84 -8.89
C VAL B 37 16.17 -54.66 -8.14
N ALA B 38 17.47 -54.43 -8.26
CA ALA B 38 18.07 -53.40 -7.44
C ALA B 38 17.51 -52.00 -7.77
N TRP B 39 17.23 -51.74 -9.06
CA TRP B 39 16.62 -50.46 -9.39
C TRP B 39 15.28 -50.35 -8.72
N LEU B 40 14.63 -51.49 -8.45
CA LEU B 40 13.37 -51.52 -7.70
C LEU B 40 13.60 -51.22 -6.21
N ARG B 41 14.66 -51.75 -5.62
CA ARG B 41 15.00 -51.34 -4.27
C ARG B 41 15.24 -49.83 -4.22
N VAL B 42 15.93 -49.29 -5.22
CA VAL B 42 16.04 -47.84 -5.31
C VAL B 42 14.66 -47.20 -5.50
N VAL B 43 13.83 -47.74 -6.42
CA VAL B 43 12.51 -47.16 -6.67
C VAL B 43 11.68 -47.21 -5.40
N THR B 44 11.85 -48.24 -4.61
CA THR B 44 11.08 -48.32 -3.40
C THR B 44 11.68 -47.38 -2.35
N LEU B 45 13.00 -47.24 -2.30
CA LEU B 45 13.61 -46.20 -1.47
C LEU B 45 13.14 -44.81 -1.88
N ALA B 46 12.94 -44.61 -3.19
CA ALA B 46 12.45 -43.35 -3.76
C ALA B 46 10.99 -43.11 -3.37
N VAL B 47 10.20 -44.17 -3.37
CA VAL B 47 8.84 -44.07 -2.89
C VAL B 47 8.79 -43.83 -1.39
N ALA B 48 9.68 -44.47 -0.63
CA ALA B 48 9.73 -44.23 0.81
C ALA B 48 10.13 -42.79 1.12
N ALA B 49 11.11 -42.26 0.38
CA ALA B 49 11.45 -40.85 0.45
C ALA B 49 10.23 -39.99 0.11
N PHE B 50 9.50 -40.36 -0.95
CA PHE B 50 8.25 -39.68 -1.30
C PHE B 50 7.31 -39.58 -0.10
N ILE B 51 7.10 -40.70 0.58
CA ILE B 51 6.18 -40.68 1.72
C ILE B 51 6.72 -39.76 2.82
N PHE B 52 7.98 -39.94 3.21
CA PHE B 52 8.45 -39.17 4.37
C PHE B 52 8.43 -37.68 4.09
N ASN B 53 8.77 -37.29 2.86
CA ASN B 53 8.71 -35.86 2.55
C ASN B 53 7.27 -35.36 2.42
N THR B 54 6.33 -36.17 1.92
CA THR B 54 4.94 -35.71 1.91
C THR B 54 4.41 -35.45 3.31
N THR B 55 4.71 -36.35 4.27
CA THR B 55 4.30 -36.08 5.65
C THR B 55 4.93 -34.80 6.18
N GLU B 56 6.24 -34.65 5.97
CA GLU B 56 6.93 -33.46 6.46
C GLU B 56 6.34 -32.17 5.89
N PHE B 57 5.81 -32.22 4.65
CA PHE B 57 5.42 -30.98 3.98
C PHE B 57 3.94 -30.62 4.18
N VAL B 58 3.03 -31.62 4.32
CA VAL B 58 1.58 -31.32 4.24
C VAL B 58 1.02 -30.35 5.27
N PRO B 59 1.46 -30.32 6.58
CA PRO B 59 0.81 -29.43 7.55
C PRO B 59 0.44 -28.04 7.07
N VAL B 60 1.20 -27.53 6.10
CA VAL B 60 0.85 -26.26 5.47
C VAL B 60 -0.55 -26.32 4.87
N GLY B 61 -0.89 -27.43 4.20
CA GLY B 61 -2.20 -27.61 3.58
C GLY B 61 -3.35 -27.94 4.53
N LEU B 62 -3.07 -28.21 5.81
CA LEU B 62 -4.09 -28.61 6.79
C LEU B 62 -4.18 -27.71 8.02
N LEU B 63 -3.45 -26.61 8.08
CA LEU B 63 -3.53 -25.76 9.26
C LEU B 63 -4.97 -25.37 9.61
N SER B 64 -5.76 -24.88 8.65
CA SER B 64 -7.08 -24.38 9.02
C SER B 64 -8.00 -25.50 9.46
N ASP B 65 -7.86 -26.69 8.86
CA ASP B 65 -8.65 -27.86 9.24
C ASP B 65 -8.35 -28.32 10.66
N ILE B 66 -7.06 -28.44 11.00
CA ILE B 66 -6.72 -28.79 12.37
C ILE B 66 -7.09 -27.65 13.31
N ALA B 67 -7.06 -26.40 12.82
CA ALA B 67 -7.43 -25.28 13.67
C ALA B 67 -8.90 -25.31 14.03
N GLN B 68 -9.77 -25.41 13.02
CA GLN B 68 -11.21 -25.55 13.25
C GLN B 68 -11.50 -26.74 14.15
N SER B 69 -10.99 -27.91 13.75
CA SER B 69 -11.32 -29.18 14.35
C SER B 69 -10.73 -29.37 15.74
N PHE B 70 -9.92 -28.44 16.24
CA PHE B 70 -9.49 -28.48 17.63
C PHE B 70 -9.83 -27.25 18.42
N HIS B 71 -10.60 -26.34 17.85
CA HIS B 71 -10.91 -25.05 18.47
C HIS B 71 -9.62 -24.34 18.91
N MET B 72 -8.91 -23.86 17.90
CA MET B 72 -7.70 -23.06 18.08
C MET B 72 -7.52 -22.22 16.82
N GLN B 73 -6.66 -21.21 16.91
CA GLN B 73 -6.41 -20.36 15.76
C GLN B 73 -5.26 -20.95 14.96
N THR B 74 -5.39 -20.84 13.64
CA THR B 74 -4.46 -21.46 12.71
C THR B 74 -2.99 -21.23 13.10
N ALA B 75 -2.71 -20.05 13.66
CA ALA B 75 -1.35 -19.72 14.06
C ALA B 75 -0.86 -20.65 15.17
N GLN B 76 -1.69 -20.82 16.20
CA GLN B 76 -1.35 -21.76 17.27
C GLN B 76 -0.94 -23.10 16.69
N VAL B 77 -1.62 -23.54 15.63
CA VAL B 77 -1.35 -24.85 15.01
C VAL B 77 -0.02 -24.84 14.31
N GLY B 78 0.41 -23.69 13.84
CA GLY B 78 1.69 -23.61 13.17
C GLY B 78 2.89 -24.18 13.91
N ILE B 79 2.79 -24.43 15.22
CA ILE B 79 3.98 -24.90 15.95
C ILE B 79 4.22 -26.38 15.82
N MET B 80 3.35 -27.13 15.15
CA MET B 80 3.74 -28.48 14.82
C MET B 80 4.89 -28.45 13.82
N LEU B 81 4.89 -27.49 12.90
CA LEU B 81 6.02 -27.33 11.98
C LEU B 81 7.32 -27.17 12.74
N THR B 82 7.32 -26.25 13.71
CA THR B 82 8.50 -25.95 14.51
C THR B 82 8.97 -27.18 15.26
N ILE B 83 8.05 -27.84 15.94
CA ILE B 83 8.46 -29.00 16.72
C ILE B 83 9.08 -30.04 15.81
N TYR B 84 8.44 -30.30 14.66
CA TYR B 84 8.92 -31.34 13.77
C TYR B 84 10.33 -31.04 13.30
N ALA B 85 10.53 -29.85 12.74
CA ALA B 85 11.84 -29.54 12.16
C ALA B 85 12.96 -29.57 13.22
N TRP B 86 12.74 -28.89 14.36
CA TRP B 86 13.83 -28.82 15.33
C TRP B 86 14.11 -30.19 15.92
N VAL B 87 13.06 -30.98 16.16
CA VAL B 87 13.27 -32.34 16.60
C VAL B 87 14.12 -33.09 15.60
N VAL B 88 13.73 -33.05 14.32
CA VAL B 88 14.47 -33.78 13.30
C VAL B 88 15.94 -33.38 13.32
N ALA B 89 16.23 -32.09 13.26
CA ALA B 89 17.63 -31.69 13.27
C ALA B 89 18.36 -32.20 14.51
N LEU B 90 17.94 -31.65 15.66
CA LEU B 90 18.73 -31.84 16.87
C LEU B 90 18.74 -33.30 17.30
N MET B 91 17.80 -34.10 16.83
CA MET B 91 17.80 -35.47 17.24
C MET B 91 18.39 -36.39 16.19
N SER B 92 18.46 -35.95 14.92
CA SER B 92 19.15 -36.74 13.91
C SER B 92 20.56 -36.96 14.34
N LEU B 93 21.18 -35.94 14.94
CA LEU B 93 22.57 -36.21 15.36
C LEU B 93 22.65 -37.35 16.40
N PRO B 94 22.02 -37.27 17.58
CA PRO B 94 22.17 -38.38 18.55
C PRO B 94 21.55 -39.71 18.11
N PHE B 95 20.50 -39.69 17.28
CA PHE B 95 19.90 -40.93 16.78
C PHE B 95 20.84 -41.64 15.80
N MET B 96 21.32 -40.91 14.78
CA MET B 96 22.33 -41.45 13.87
C MET B 96 23.63 -41.83 14.59
N LEU B 97 23.87 -41.29 15.79
CA LEU B 97 25.04 -41.68 16.55
C LEU B 97 24.83 -43.02 17.28
N MET B 98 23.71 -43.16 18.00
CA MET B 98 23.47 -44.39 18.74
C MET B 98 23.09 -45.58 17.86
N THR B 99 22.66 -45.35 16.62
CA THR B 99 22.12 -46.44 15.79
C THR B 99 23.17 -47.07 14.87
N SER B 100 24.44 -46.67 14.99
CA SER B 100 25.49 -46.96 13.99
C SER B 100 25.79 -48.44 13.82
N GLN B 101 25.42 -49.31 14.76
CA GLN B 101 25.95 -50.67 14.68
C GLN B 101 25.21 -51.51 13.65
N VAL B 102 23.88 -51.55 13.72
CA VAL B 102 23.06 -52.44 12.90
C VAL B 102 22.13 -51.61 12.00
N GLU B 103 22.62 -51.26 10.80
CA GLU B 103 21.80 -50.74 9.70
C GLU B 103 21.15 -51.83 8.92
N ARG B 104 21.07 -53.01 9.53
CA ARG B 104 20.33 -54.08 8.92
C ARG B 104 18.90 -53.61 8.69
N ARG B 105 18.18 -54.36 7.86
CA ARG B 105 16.76 -54.10 7.62
C ARG B 105 16.00 -53.95 8.92
N LYS B 106 16.54 -54.49 10.02
CA LYS B 106 15.97 -54.24 11.35
C LYS B 106 15.72 -52.75 11.53
N LEU B 107 16.67 -51.91 11.11
CA LEU B 107 16.51 -50.49 11.35
C LEU B 107 15.41 -49.87 10.48
N LEU B 108 15.37 -50.18 9.18
CA LEU B 108 14.28 -49.65 8.37
C LEU B 108 12.91 -50.11 8.86
N ILE B 109 12.78 -51.37 9.26
CA ILE B 109 11.44 -51.78 9.70
C ILE B 109 11.08 -51.13 11.02
N CYS B 110 12.01 -51.06 11.98
CA CYS B 110 11.70 -50.39 13.25
C CYS B 110 11.21 -48.97 13.02
N LEU B 111 11.97 -48.18 12.25
CA LEU B 111 11.55 -46.82 11.94
C LEU B 111 10.19 -46.79 11.25
N PHE B 112 9.99 -47.57 10.19
CA PHE B 112 8.71 -47.53 9.50
C PHE B 112 7.54 -47.96 10.39
N VAL B 113 7.74 -48.94 11.29
CA VAL B 113 6.71 -49.30 12.26
C VAL B 113 6.39 -48.12 13.15
N VAL B 114 7.42 -47.51 13.73
CA VAL B 114 7.17 -46.35 14.54
C VAL B 114 6.48 -45.27 13.72
N PHE B 115 6.78 -45.21 12.43
CA PHE B 115 6.22 -44.19 11.57
C PHE B 115 4.75 -44.42 11.42
N ILE B 116 4.37 -45.64 11.06
CA ILE B 116 2.97 -45.95 10.84
C ILE B 116 2.21 -45.94 12.18
N ALA B 117 2.89 -46.30 13.28
CA ALA B 117 2.32 -46.21 14.63
C ALA B 117 1.94 -44.77 15.00
N SER B 118 2.92 -43.88 14.93
CA SER B 118 2.63 -42.47 15.14
C SER B 118 1.64 -41.97 14.10
N HIS B 119 1.64 -42.55 12.91
CA HIS B 119 0.70 -42.08 11.90
C HIS B 119 -0.73 -42.44 12.27
N VAL B 120 -0.92 -43.63 12.83
CA VAL B 120 -2.25 -43.99 13.28
C VAL B 120 -2.62 -43.18 14.50
N LEU B 121 -1.63 -42.78 15.32
CA LEU B 121 -1.88 -41.84 16.42
C LEU B 121 -2.34 -40.46 15.95
N SER B 122 -1.73 -39.96 14.87
CA SER B 122 -2.23 -38.73 14.26
C SER B 122 -3.65 -38.91 13.74
N PHE B 123 -3.95 -40.08 13.17
CA PHE B 123 -5.30 -40.32 12.72
C PHE B 123 -6.31 -40.20 13.86
N LEU B 124 -5.93 -40.69 15.04
CA LEU B 124 -6.73 -40.73 16.27
C LEU B 124 -6.49 -39.52 17.15
N SER B 125 -6.02 -38.41 16.61
CA SER B 125 -5.65 -37.31 17.47
C SER B 125 -6.88 -36.76 18.14
N TRP B 126 -6.86 -36.76 19.47
CA TRP B 126 -7.93 -36.20 20.28
C TRP B 126 -7.49 -34.96 21.05
N SER B 127 -6.30 -34.46 20.75
CA SER B 127 -5.70 -33.32 21.41
C SER B 127 -4.62 -32.78 20.48
N PHE B 128 -4.49 -31.47 20.40
CA PHE B 128 -3.33 -30.93 19.69
C PHE B 128 -2.05 -31.53 20.26
N THR B 129 -2.02 -31.67 21.59
CA THR B 129 -0.89 -32.27 22.31
C THR B 129 -0.65 -33.73 21.89
N VAL B 130 -1.74 -34.45 21.62
CA VAL B 130 -1.63 -35.78 21.03
C VAL B 130 -0.90 -35.70 19.71
N LEU B 131 -1.41 -34.88 18.79
CA LEU B 131 -0.87 -34.83 17.45
C LEU B 131 0.60 -34.42 17.50
N VAL B 132 0.95 -33.52 18.42
CA VAL B 132 2.34 -33.09 18.61
C VAL B 132 3.22 -34.25 19.05
N ILE B 133 2.77 -35.04 20.02
CA ILE B 133 3.54 -36.23 20.37
C ILE B 133 3.67 -37.12 19.14
N SER B 134 2.58 -37.21 18.38
CA SER B 134 2.55 -38.01 17.17
C SER B 134 3.59 -37.52 16.20
N ARG B 135 3.65 -36.22 16.00
CA ARG B 135 4.64 -35.63 15.13
C ARG B 135 6.04 -35.93 15.63
N ILE B 136 6.23 -35.91 16.94
CA ILE B 136 7.54 -36.21 17.49
C ILE B 136 7.96 -37.64 17.12
N GLY B 137 7.01 -38.57 17.17
CA GLY B 137 7.27 -39.92 16.69
C GLY B 137 7.57 -39.96 15.21
N VAL B 138 6.80 -39.20 14.43
CA VAL B 138 7.03 -39.08 12.99
C VAL B 138 8.42 -38.49 12.68
N ALA B 139 8.82 -37.49 13.46
CA ALA B 139 10.14 -36.89 13.30
C ALA B 139 11.21 -37.88 13.66
N PHE B 140 11.02 -38.62 14.77
CA PHE B 140 11.97 -39.67 15.14
C PHE B 140 12.15 -40.65 14.00
N ALA B 141 11.04 -41.05 13.38
CA ALA B 141 11.11 -41.95 12.23
C ALA B 141 11.94 -41.34 11.09
N ALA B 142 11.55 -40.14 10.66
CA ALA B 142 12.20 -39.54 9.51
C ALA B 142 13.69 -39.35 9.76
N ALA B 143 14.06 -39.04 11.01
CA ALA B 143 15.45 -38.78 11.37
C ALA B 143 16.38 -39.90 10.92
N ILE B 144 16.07 -41.14 11.34
CA ILE B 144 16.88 -42.28 10.97
C ILE B 144 16.72 -42.61 9.49
N PHE B 145 15.49 -42.48 8.97
CA PHE B 145 15.28 -42.85 7.58
C PHE B 145 16.25 -42.11 6.67
N TRP B 146 16.53 -40.84 6.96
CA TRP B 146 17.27 -40.05 5.97
C TRP B 146 18.73 -40.47 5.85
N SER B 147 19.42 -40.61 6.98
CA SER B 147 20.79 -41.13 6.96
C SER B 147 20.83 -42.47 6.22
N ILE B 148 19.93 -43.38 6.59
CA ILE B 148 20.01 -44.67 5.93
C ILE B 148 19.69 -44.60 4.44
N THR B 149 18.80 -43.71 4.02
CA THR B 149 18.42 -43.69 2.61
C THR B 149 19.54 -43.17 1.71
N ALA B 150 20.23 -42.11 2.14
CA ALA B 150 21.47 -41.79 1.43
C ALA B 150 22.31 -43.06 1.25
N SER B 151 22.64 -43.70 2.38
CA SER B 151 23.51 -44.89 2.39
C SER B 151 22.98 -45.98 1.45
N LEU B 152 21.69 -46.23 1.50
CA LEU B 152 21.14 -47.37 0.82
C LEU B 152 21.01 -47.10 -0.67
N ALA B 153 20.57 -45.89 -1.04
CA ALA B 153 20.39 -45.55 -2.44
C ALA B 153 21.70 -45.70 -3.18
N ILE B 154 22.81 -45.34 -2.51
CA ILE B 154 24.09 -45.55 -3.18
C ILE B 154 24.42 -47.05 -3.20
N ARG B 155 24.35 -47.71 -2.02
CA ARG B 155 24.79 -49.09 -1.90
C ARG B 155 24.01 -50.07 -2.76
N MET B 156 22.89 -49.66 -3.36
CA MET B 156 21.93 -50.63 -3.91
C MET B 156 21.76 -50.62 -5.43
N ALA B 157 22.67 -50.04 -6.19
CA ALA B 157 22.45 -49.96 -7.64
C ALA B 157 23.78 -50.06 -8.34
N PRO B 158 23.80 -50.37 -9.65
CA PRO B 158 25.08 -50.48 -10.37
C PRO B 158 25.76 -49.12 -10.56
N ALA B 159 27.09 -49.13 -10.47
CA ALA B 159 27.88 -47.93 -10.15
C ALA B 159 27.67 -46.78 -11.13
N GLY B 160 27.45 -47.06 -12.41
CA GLY B 160 27.14 -45.97 -13.30
C GLY B 160 25.86 -45.28 -12.92
N LYS B 161 24.82 -46.09 -12.64
CA LYS B 161 23.55 -45.66 -12.09
C LYS B 161 23.47 -45.68 -10.56
N ARG B 162 24.60 -45.90 -9.86
CA ARG B 162 24.68 -45.61 -8.44
C ARG B 162 24.47 -44.13 -8.18
N ALA B 163 24.83 -43.29 -9.16
CA ALA B 163 24.50 -41.88 -9.09
C ALA B 163 23.03 -41.60 -9.41
N GLN B 164 22.48 -42.20 -10.46
CA GLN B 164 21.05 -41.99 -10.65
C GLN B 164 20.24 -42.55 -9.50
N ALA B 165 20.75 -43.49 -8.71
CA ALA B 165 19.98 -43.92 -7.55
C ALA B 165 19.76 -42.75 -6.58
N LEU B 166 20.82 -41.99 -6.30
CA LEU B 166 20.65 -40.75 -5.57
C LEU B 166 19.67 -39.85 -6.32
N SER B 167 19.82 -39.76 -7.65
CA SER B 167 18.92 -38.96 -8.47
C SER B 167 17.47 -39.44 -8.37
N LEU B 168 17.27 -40.75 -8.23
CA LEU B 168 15.93 -41.29 -8.13
C LEU B 168 15.27 -40.90 -6.82
N ILE B 169 15.97 -41.08 -5.69
CA ILE B 169 15.30 -40.72 -4.45
C ILE B 169 15.14 -39.20 -4.36
N ALA B 170 16.04 -38.45 -5.01
CA ALA B 170 15.82 -37.03 -5.15
C ALA B 170 14.56 -36.72 -5.94
N THR B 171 14.32 -37.44 -7.05
CA THR B 171 13.10 -37.20 -7.82
C THR B 171 11.87 -37.56 -7.00
N GLY B 172 11.99 -38.57 -6.13
CA GLY B 172 10.89 -38.88 -5.23
C GLY B 172 10.53 -37.74 -4.29
N THR B 173 11.53 -37.20 -3.59
CA THR B 173 11.28 -36.07 -2.66
C THR B 173 10.83 -34.80 -3.42
N ALA B 174 11.31 -34.62 -4.64
CA ALA B 174 10.80 -33.55 -5.51
C ALA B 174 9.29 -33.72 -5.77
N LEU B 175 8.89 -34.90 -6.27
CA LEU B 175 7.46 -35.17 -6.50
C LEU B 175 6.65 -35.01 -5.22
N ALA B 176 7.25 -35.28 -4.06
CA ALA B 176 6.56 -35.05 -2.79
C ALA B 176 6.19 -33.59 -2.63
N MET B 177 7.16 -32.68 -2.78
CA MET B 177 6.73 -31.31 -2.59
C MET B 177 5.91 -30.75 -3.77
N VAL B 178 6.07 -31.27 -4.98
CA VAL B 178 5.30 -30.68 -6.07
C VAL B 178 3.91 -31.32 -6.18
N LEU B 179 3.82 -32.63 -5.98
CA LEU B 179 2.54 -33.32 -6.07
C LEU B 179 2.05 -33.84 -4.73
N GLY B 180 2.95 -34.32 -3.87
CA GLY B 180 2.51 -34.95 -2.63
C GLY B 180 1.77 -34.01 -1.70
N LEU B 181 2.26 -32.76 -1.55
CA LEU B 181 1.55 -31.78 -0.71
C LEU B 181 0.18 -31.42 -1.26
N PRO B 182 0.01 -31.04 -2.54
CA PRO B 182 -1.34 -30.76 -3.03
C PRO B 182 -2.26 -31.97 -3.04
N LEU B 183 -1.74 -33.18 -3.29
CA LEU B 183 -2.57 -34.36 -3.10
C LEU B 183 -2.97 -34.51 -1.64
N GLY B 184 -2.03 -34.27 -0.72
CA GLY B 184 -2.38 -34.25 0.70
C GLY B 184 -3.44 -33.20 1.06
N ARG B 185 -3.34 -32.02 0.46
CA ARG B 185 -4.32 -31.00 0.78
C ARG B 185 -5.68 -31.31 0.17
N ILE B 186 -5.71 -31.85 -1.06
CA ILE B 186 -7.02 -32.17 -1.63
C ILE B 186 -7.62 -33.41 -0.95
N VAL B 187 -6.80 -34.39 -0.56
CA VAL B 187 -7.36 -35.52 0.19
C VAL B 187 -7.85 -35.06 1.56
N GLY B 188 -7.23 -34.03 2.15
CA GLY B 188 -7.73 -33.46 3.40
C GLY B 188 -9.03 -32.69 3.23
N GLN B 189 -9.15 -31.91 2.15
CA GLN B 189 -10.38 -31.22 1.80
C GLN B 189 -11.55 -32.17 1.59
N TYR B 190 -11.36 -33.31 0.91
CA TYR B 190 -12.52 -34.19 0.71
C TYR B 190 -12.81 -35.03 1.95
N PHE B 191 -11.80 -35.71 2.50
CA PHE B 191 -12.04 -36.77 3.47
C PHE B 191 -11.40 -36.46 4.82
N GLY B 192 -11.18 -35.20 5.16
CA GLY B 192 -10.55 -34.95 6.44
C GLY B 192 -9.06 -35.09 6.45
N TRP B 193 -8.44 -34.17 7.19
CA TRP B 193 -7.01 -34.30 7.37
C TRP B 193 -6.65 -35.60 8.07
N ARG B 194 -7.59 -36.18 8.83
CA ARG B 194 -7.36 -37.49 9.41
C ARG B 194 -7.13 -38.54 8.32
N MET B 195 -7.93 -38.49 7.26
CA MET B 195 -7.79 -39.42 6.13
C MET B 195 -6.52 -39.15 5.31
N THR B 196 -6.11 -37.88 5.18
CA THR B 196 -4.77 -37.61 4.67
C THR B 196 -3.72 -38.45 5.41
N PHE B 197 -3.57 -38.19 6.73
CA PHE B 197 -2.55 -38.86 7.54
C PHE B 197 -2.71 -40.36 7.49
N PHE B 198 -3.96 -40.85 7.41
CA PHE B 198 -4.18 -42.29 7.29
C PHE B 198 -3.72 -42.82 5.93
N ALA B 199 -4.02 -42.08 4.86
CA ALA B 199 -3.55 -42.48 3.54
C ALA B 199 -2.04 -42.55 3.49
N ILE B 200 -1.38 -41.61 4.18
CA ILE B 200 0.07 -41.60 4.23
C ILE B 200 0.59 -42.75 5.08
N GLY B 201 -0.02 -43.02 6.23
CA GLY B 201 0.41 -44.17 7.01
C GLY B 201 0.19 -45.47 6.26
N ILE B 202 -0.83 -45.51 5.40
CA ILE B 202 -1.14 -46.70 4.61
C ILE B 202 -0.18 -46.86 3.44
N GLY B 203 0.17 -45.75 2.78
CA GLY B 203 1.22 -45.80 1.78
C GLY B 203 2.56 -46.23 2.36
N ALA B 204 2.87 -45.74 3.57
CA ALA B 204 4.04 -46.21 4.31
C ALA B 204 3.94 -47.69 4.59
N LEU B 205 2.74 -48.18 4.89
CA LEU B 205 2.57 -49.59 5.15
C LEU B 205 2.80 -50.42 3.89
N ILE B 206 2.13 -50.07 2.78
CA ILE B 206 2.34 -50.86 1.56
C ILE B 206 3.79 -50.72 1.11
N THR B 207 4.42 -49.58 1.35
CA THR B 207 5.83 -49.54 0.98
C THR B 207 6.72 -50.29 1.97
N LEU B 208 6.36 -50.37 3.25
CA LEU B 208 7.12 -51.23 4.14
C LEU B 208 7.02 -52.68 3.67
N LEU B 209 5.85 -53.05 3.19
CA LEU B 209 5.68 -54.36 2.60
C LEU B 209 6.55 -54.50 1.34
N CYS B 210 6.47 -53.53 0.43
CA CYS B 210 7.34 -53.58 -0.75
C CYS B 210 8.78 -53.77 -0.33
N LEU B 211 9.16 -53.16 0.78
CA LEU B 211 10.52 -53.23 1.29
C LEU B 211 10.87 -54.63 1.77
N ILE B 212 10.04 -55.22 2.62
CA ILE B 212 10.42 -56.44 3.34
C ILE B 212 10.79 -57.60 2.40
N LYS B 213 10.05 -57.80 1.31
CA LYS B 213 10.33 -58.96 0.46
C LYS B 213 11.31 -58.64 -0.67
N LEU B 214 11.77 -57.39 -0.82
CA LEU B 214 12.80 -57.03 -1.80
C LEU B 214 13.80 -56.15 -1.07
N LEU B 215 14.78 -56.79 -0.41
CA LEU B 215 15.90 -56.11 0.20
C LEU B 215 16.95 -57.09 0.72
N PRO B 216 18.24 -56.73 0.63
CA PRO B 216 19.30 -57.58 1.20
C PRO B 216 19.77 -57.16 2.59
N LEU B 217 20.19 -58.13 3.39
CA LEU B 217 20.72 -57.87 4.73
C LEU B 217 21.95 -56.94 4.66
N LEU B 218 22.04 -55.95 5.59
CA LEU B 218 23.17 -55.04 5.41
C LEU B 218 23.53 -54.23 6.66
N PRO B 219 24.82 -54.14 7.07
CA PRO B 219 25.35 -53.38 8.23
C PRO B 219 26.43 -52.28 8.00
N GLY B 224 30.49 -42.94 7.87
CA GLY B 224 31.69 -43.69 8.20
C GLY B 224 32.57 -42.95 9.19
N SER B 225 33.03 -41.77 8.76
CA SER B 225 33.78 -40.83 9.60
C SER B 225 33.01 -39.52 9.77
N LEU B 226 33.07 -39.00 11.01
CA LEU B 226 32.44 -37.74 11.38
C LEU B 226 33.40 -36.76 12.00
N LYS B 227 34.58 -37.21 12.46
CA LYS B 227 35.54 -36.30 13.08
C LYS B 227 35.91 -35.14 12.17
N SER B 228 35.54 -35.24 10.89
CA SER B 228 35.63 -34.11 9.96
C SER B 228 34.79 -32.93 10.41
N LEU B 229 33.77 -33.18 11.25
CA LEU B 229 32.84 -32.16 11.74
C LEU B 229 33.48 -30.99 12.46
N PRO B 230 34.40 -31.18 13.44
CA PRO B 230 35.02 -30.00 14.09
C PRO B 230 35.86 -29.15 13.14
N LEU B 231 36.55 -29.80 12.20
CA LEU B 231 37.27 -29.10 11.16
C LEU B 231 36.30 -28.29 10.30
N LEU B 232 35.15 -28.89 9.97
CA LEU B 232 34.11 -28.18 9.21
C LEU B 232 33.62 -26.97 9.98
N PHE B 233 33.51 -27.11 11.28
CA PHE B 233 33.17 -26.00 12.16
C PHE B 233 34.24 -24.92 12.19
N ARG B 234 35.46 -25.26 11.84
CA ARG B 234 36.50 -24.24 11.90
C ARG B 234 36.56 -23.37 10.65
N ARG B 235 36.10 -23.85 9.50
CA ARG B 235 36.19 -23.05 8.28
C ARG B 235 35.22 -21.87 8.39
N PRO B 236 35.68 -20.63 8.40
CA PRO B 236 34.70 -19.55 8.56
C PRO B 236 33.80 -19.39 7.33
N ALA B 237 34.28 -19.62 6.12
CA ALA B 237 33.42 -19.45 4.94
C ALA B 237 32.23 -20.41 4.97
N LEU B 238 32.48 -21.69 5.29
CA LEU B 238 31.41 -22.69 5.38
C LEU B 238 30.38 -22.30 6.42
N MET B 239 30.83 -21.95 7.62
CA MET B 239 29.88 -21.59 8.66
C MET B 239 29.08 -20.38 8.25
N SER B 240 29.70 -19.44 7.52
CA SER B 240 28.94 -18.27 7.06
C SER B 240 27.93 -18.65 5.99
N ILE B 241 28.23 -19.64 5.15
CA ILE B 241 27.15 -20.11 4.30
C ILE B 241 26.01 -20.66 5.15
N TYR B 242 26.34 -21.38 6.21
CA TYR B 242 25.29 -21.94 7.07
C TYR B 242 24.45 -20.83 7.72
N LEU B 243 25.11 -19.81 8.26
CA LEU B 243 24.38 -18.68 8.81
C LEU B 243 23.41 -18.12 7.78
N LEU B 244 23.91 -17.90 6.56
CA LEU B 244 23.07 -17.28 5.54
C LEU B 244 21.86 -18.16 5.22
N THR B 245 22.05 -19.48 5.16
CA THR B 245 20.92 -20.39 4.97
C THR B 245 19.86 -20.24 6.08
N VAL B 246 20.28 -20.33 7.35
CA VAL B 246 19.31 -20.23 8.44
C VAL B 246 18.47 -18.96 8.31
N VAL B 247 19.13 -17.82 8.08
CA VAL B 247 18.41 -16.55 8.05
C VAL B 247 17.46 -16.46 6.85
N VAL B 248 17.93 -16.88 5.66
CA VAL B 248 17.04 -16.73 4.50
C VAL B 248 15.84 -17.65 4.63
N VAL B 249 16.03 -18.85 5.19
CA VAL B 249 14.92 -19.79 5.33
C VAL B 249 13.92 -19.34 6.40
N THR B 250 14.39 -18.72 7.48
CA THR B 250 13.47 -18.15 8.46
C THR B 250 12.61 -17.04 7.88
N ALA B 251 13.20 -16.14 7.08
CA ALA B 251 12.36 -15.19 6.36
C ALA B 251 11.29 -15.90 5.51
N HIS B 252 11.75 -16.89 4.73
CA HIS B 252 10.86 -17.56 3.80
C HIS B 252 9.69 -18.19 4.52
N TYR B 253 9.97 -18.90 5.64
CA TYR B 253 8.94 -19.66 6.34
C TYR B 253 8.08 -18.80 7.28
N THR B 254 8.58 -17.63 7.70
CA THR B 254 7.73 -16.63 8.34
C THR B 254 6.54 -16.28 7.47
N ALA B 255 6.78 -16.09 6.16
CA ALA B 255 5.55 -15.83 5.41
C ALA B 255 4.91 -17.13 4.92
N TYR B 256 5.67 -17.99 4.22
CA TYR B 256 5.07 -19.13 3.51
C TYR B 256 4.39 -20.11 4.46
N SER B 257 4.98 -20.34 5.65
CA SER B 257 4.49 -21.38 6.56
C SER B 257 2.99 -21.25 6.83
N TYR B 258 2.47 -20.04 6.90
CA TYR B 258 1.04 -19.79 7.09
C TYR B 258 0.41 -19.16 5.87
N ILE B 259 0.67 -19.69 4.68
CA ILE B 259 0.04 -19.07 3.53
C ILE B 259 -1.42 -19.53 3.37
N GLU B 260 -1.75 -20.79 3.73
CA GLU B 260 -3.15 -21.22 3.70
C GLU B 260 -4.03 -20.32 4.55
N PRO B 261 -3.81 -20.22 5.87
CA PRO B 261 -4.59 -19.26 6.65
C PRO B 261 -4.42 -17.87 6.12
N PHE B 262 -3.31 -17.56 5.49
CA PHE B 262 -3.21 -16.24 4.88
C PHE B 262 -4.21 -16.13 3.75
N VAL B 263 -4.25 -17.13 2.87
CA VAL B 263 -5.11 -17.03 1.70
C VAL B 263 -6.58 -16.98 2.14
N GLN B 264 -6.95 -17.72 3.18
CA GLN B 264 -8.34 -17.77 3.64
C GLN B 264 -8.66 -16.64 4.62
N ASN B 265 -8.08 -16.70 5.84
CA ASN B 265 -8.35 -15.75 6.91
C ASN B 265 -8.09 -14.30 6.51
N ILE B 266 -7.21 -14.08 5.52
CA ILE B 266 -6.67 -12.76 5.24
C ILE B 266 -6.88 -12.38 3.78
N ALA B 267 -6.58 -13.31 2.87
CA ALA B 267 -6.76 -13.00 1.47
C ALA B 267 -8.20 -13.16 1.06
N GLY B 268 -8.95 -13.95 1.83
CA GLY B 268 -10.35 -14.15 1.65
C GLY B 268 -10.72 -15.07 0.51
N PHE B 269 -9.74 -15.64 -0.16
CA PHE B 269 -10.05 -16.39 -1.36
C PHE B 269 -10.49 -17.79 -0.97
N SER B 270 -10.96 -18.54 -1.97
CA SER B 270 -11.53 -19.86 -1.80
C SER B 270 -10.49 -20.81 -1.21
N ALA B 271 -10.94 -22.01 -0.85
CA ALA B 271 -9.96 -23.01 -0.44
C ALA B 271 -9.30 -23.66 -1.66
N ASN B 272 -10.05 -23.81 -2.76
CA ASN B 272 -9.45 -24.28 -4.02
C ASN B 272 -8.37 -23.32 -4.57
N PHE B 273 -8.51 -22.01 -4.36
CA PHE B 273 -7.44 -21.12 -4.79
C PHE B 273 -6.16 -21.34 -3.97
N ALA B 274 -6.29 -21.59 -2.66
CA ALA B 274 -5.12 -21.90 -1.84
C ALA B 274 -4.45 -23.21 -2.27
N THR B 275 -5.25 -24.21 -2.65
CA THR B 275 -4.67 -25.42 -3.23
C THR B 275 -3.96 -25.12 -4.55
N ALA B 276 -4.55 -24.23 -5.35
CA ALA B 276 -3.88 -23.77 -6.56
C ALA B 276 -2.53 -23.15 -6.25
N LEU B 277 -2.45 -22.33 -5.19
CA LEU B 277 -1.19 -21.69 -4.80
C LEU B 277 -0.13 -22.72 -4.42
N LEU B 278 -0.54 -23.79 -3.74
CA LEU B 278 0.46 -24.79 -3.36
C LEU B 278 0.95 -25.58 -4.58
N LEU B 279 0.04 -25.98 -5.48
CA LEU B 279 0.49 -26.61 -6.72
C LEU B 279 1.33 -25.62 -7.56
N LEU B 280 1.01 -24.33 -7.49
CA LEU B 280 1.78 -23.29 -8.19
C LEU B 280 3.18 -23.11 -7.61
N LEU B 281 3.33 -23.10 -6.27
CA LEU B 281 4.65 -22.99 -5.69
C LEU B 281 5.52 -24.17 -6.08
N GLY B 282 4.94 -25.37 -6.12
CA GLY B 282 5.68 -26.52 -6.63
C GLY B 282 6.16 -26.34 -8.07
N GLY B 283 5.26 -25.94 -8.96
CA GLY B 283 5.65 -25.73 -10.33
C GLY B 283 6.70 -24.64 -10.49
N ALA B 284 6.61 -23.61 -9.66
CA ALA B 284 7.60 -22.54 -9.74
C ALA B 284 8.97 -23.02 -9.26
N GLY B 285 8.99 -23.85 -8.23
CA GLY B 285 10.26 -24.47 -7.84
C GLY B 285 10.86 -25.32 -8.95
N ILE B 286 10.01 -26.06 -9.68
CA ILE B 286 10.51 -26.87 -10.80
C ILE B 286 11.14 -25.98 -11.89
N ILE B 287 10.46 -24.87 -12.25
CA ILE B 287 11.08 -24.01 -13.27
C ILE B 287 12.31 -23.32 -12.69
N GLY B 288 12.35 -23.10 -11.39
CA GLY B 288 13.56 -22.55 -10.80
C GLY B 288 14.73 -23.50 -10.87
N SER B 289 14.47 -24.78 -10.66
CA SER B 289 15.51 -25.79 -10.82
C SER B 289 16.09 -25.79 -12.23
N VAL B 290 15.22 -25.74 -13.26
CA VAL B 290 15.79 -25.83 -14.61
C VAL B 290 16.50 -24.53 -14.98
N ILE B 291 16.04 -23.40 -14.44
CA ILE B 291 16.74 -22.12 -14.66
C ILE B 291 18.16 -22.18 -14.08
N PHE B 292 18.27 -22.68 -12.86
CA PHE B 292 19.59 -22.80 -12.23
C PHE B 292 20.48 -23.74 -13.04
N GLY B 293 19.91 -24.85 -13.51
CA GLY B 293 20.69 -25.82 -14.27
C GLY B 293 21.21 -25.31 -15.60
N LYS B 294 20.38 -24.52 -16.31
CA LYS B 294 20.88 -23.94 -17.56
C LYS B 294 21.95 -22.87 -17.31
N LEU B 295 21.75 -21.99 -16.32
CA LEU B 295 22.68 -20.88 -16.15
C LEU B 295 24.07 -21.32 -15.73
N GLY B 296 24.17 -22.30 -14.83
CA GLY B 296 25.42 -22.87 -14.41
C GLY B 296 26.04 -22.20 -13.18
N ASN B 297 27.06 -22.87 -12.64
CA ASN B 297 27.63 -22.41 -11.39
C ASN B 297 28.54 -21.23 -11.57
N GLN B 298 28.90 -20.91 -12.82
CA GLN B 298 29.71 -19.73 -13.11
C GLN B 298 29.09 -18.52 -12.43
N TYR B 299 27.76 -18.45 -12.45
CA TYR B 299 26.98 -17.35 -11.88
C TYR B 299 26.41 -17.66 -10.49
N ALA B 300 26.88 -18.71 -9.81
CA ALA B 300 26.20 -19.25 -8.61
C ALA B 300 25.94 -18.18 -7.55
N SER B 301 27.00 -17.57 -7.03
CA SER B 301 26.84 -16.51 -6.03
C SER B 301 25.79 -15.50 -6.50
N ALA B 302 25.96 -15.04 -7.75
CA ALA B 302 25.08 -14.04 -8.32
C ALA B 302 23.64 -14.49 -8.24
N LEU B 303 23.34 -15.66 -8.80
CA LEU B 303 21.97 -16.14 -8.79
C LEU B 303 21.40 -16.09 -7.37
N VAL B 304 22.19 -16.53 -6.38
CA VAL B 304 21.68 -16.55 -5.01
C VAL B 304 21.31 -15.15 -4.55
N SER B 305 22.23 -14.19 -4.71
CA SER B 305 22.00 -12.88 -4.11
C SER B 305 20.73 -12.23 -4.65
N THR B 306 20.59 -12.17 -5.99
CA THR B 306 19.37 -11.61 -6.56
C THR B 306 18.14 -12.43 -6.15
N ALA B 307 18.31 -13.76 -6.08
CA ALA B 307 17.20 -14.56 -5.61
C ALA B 307 16.74 -14.09 -4.25
N ILE B 308 17.69 -13.81 -3.36
CA ILE B 308 17.31 -13.35 -2.03
C ILE B 308 16.61 -11.99 -2.15
N ALA B 309 17.12 -11.12 -3.02
CA ALA B 309 16.37 -9.89 -3.31
C ALA B 309 14.94 -10.21 -3.77
N LEU B 310 14.81 -11.14 -4.73
CA LEU B 310 13.47 -11.54 -5.16
C LEU B 310 12.59 -11.86 -3.96
N LEU B 311 13.09 -12.73 -3.06
CA LEU B 311 12.30 -13.14 -1.90
C LEU B 311 11.91 -11.93 -1.05
N LEU B 312 12.85 -10.99 -0.87
CA LEU B 312 12.55 -9.77 -0.14
C LEU B 312 11.34 -9.06 -0.73
N VAL B 313 11.31 -8.90 -2.05
CA VAL B 313 10.12 -8.32 -2.69
C VAL B 313 8.86 -9.15 -2.42
N CYS B 314 8.96 -10.47 -2.60
CA CYS B 314 7.79 -11.32 -2.51
C CYS B 314 7.21 -11.35 -1.10
N LEU B 315 8.06 -11.38 -0.08
CA LEU B 315 7.49 -11.27 1.25
C LEU B 315 6.84 -9.91 1.42
N ALA B 316 7.52 -8.85 0.96
CA ALA B 316 7.03 -7.48 1.11
C ALA B 316 5.76 -7.24 0.30
N LEU B 317 5.81 -7.53 -0.98
CA LEU B 317 4.56 -7.34 -1.71
C LEU B 317 3.53 -8.41 -1.42
N LEU B 318 3.73 -9.29 -0.43
CA LEU B 318 2.80 -10.41 -0.22
C LEU B 318 1.39 -9.92 0.10
N LEU B 319 1.27 -9.10 1.12
CA LEU B 319 -0.02 -8.56 1.51
C LEU B 319 -0.66 -7.73 0.38
N PRO B 320 0.03 -6.76 -0.23
CA PRO B 320 -0.62 -6.01 -1.31
C PRO B 320 -1.05 -6.88 -2.46
N ALA B 321 -0.20 -7.83 -2.86
CA ALA B 321 -0.52 -8.64 -4.03
C ALA B 321 -1.73 -9.51 -3.79
N ALA B 322 -2.25 -9.53 -2.56
CA ALA B 322 -3.43 -10.32 -2.26
C ALA B 322 -4.73 -9.65 -2.73
N ASN B 323 -4.71 -8.35 -3.05
CA ASN B 323 -5.94 -7.67 -3.48
C ASN B 323 -6.49 -8.24 -4.79
N SER B 324 -5.70 -9.03 -5.52
CA SER B 324 -6.16 -9.64 -6.76
C SER B 324 -5.73 -11.10 -6.77
N GLU B 325 -6.54 -11.93 -7.42
CA GLU B 325 -6.16 -13.32 -7.58
C GLU B 325 -4.94 -13.44 -8.49
N ILE B 326 -5.02 -12.84 -9.68
CA ILE B 326 -3.96 -12.98 -10.66
C ILE B 326 -2.67 -12.33 -10.13
N HIS B 327 -2.83 -11.31 -9.29
CA HIS B 327 -1.69 -10.68 -8.64
C HIS B 327 -1.01 -11.65 -7.67
N LEU B 328 -1.80 -12.30 -6.80
CA LEU B 328 -1.18 -13.25 -5.87
C LEU B 328 -0.54 -14.41 -6.60
N GLY B 329 -1.10 -14.83 -7.75
CA GLY B 329 -0.50 -15.93 -8.50
C GLY B 329 0.85 -15.58 -9.09
N VAL B 330 0.94 -14.40 -9.70
CA VAL B 330 2.25 -13.92 -10.13
C VAL B 330 3.23 -13.89 -8.95
N LEU B 331 2.79 -13.37 -7.80
CA LEU B 331 3.69 -13.37 -6.64
C LEU B 331 4.11 -14.78 -6.26
N SER B 332 3.23 -15.75 -6.42
CA SER B 332 3.58 -17.12 -6.07
C SER B 332 4.71 -17.63 -6.94
N ILE B 333 4.55 -17.48 -8.26
CA ILE B 333 5.60 -17.90 -9.20
C ILE B 333 6.94 -17.29 -8.80
N PHE B 334 6.96 -15.96 -8.63
CA PHE B 334 8.20 -15.30 -8.28
C PHE B 334 8.75 -15.86 -6.97
N TRP B 335 7.87 -16.10 -6.01
CA TRP B 335 8.29 -16.57 -4.70
C TRP B 335 9.00 -17.90 -4.81
N GLY B 336 8.41 -18.81 -5.56
CA GLY B 336 8.93 -20.16 -5.67
C GLY B 336 10.24 -20.23 -6.42
N ILE B 337 10.30 -19.53 -7.55
CA ILE B 337 11.55 -19.45 -8.32
C ILE B 337 12.66 -19.02 -7.40
N ALA B 338 12.42 -17.91 -6.66
CA ALA B 338 13.42 -17.34 -5.76
C ALA B 338 13.89 -18.37 -4.74
N MET B 339 12.95 -19.06 -4.09
CA MET B 339 13.37 -19.93 -3.02
C MET B 339 14.07 -21.16 -3.56
N MET B 340 13.71 -21.61 -4.78
CA MET B 340 14.45 -22.73 -5.35
C MET B 340 15.89 -22.33 -5.68
N ILE B 341 16.05 -21.19 -6.35
CA ILE B 341 17.39 -20.79 -6.69
C ILE B 341 18.19 -20.60 -5.42
N ILE B 342 17.60 -19.94 -4.40
CA ILE B 342 18.29 -19.74 -3.11
C ILE B 342 18.83 -21.06 -2.58
N GLY B 343 17.97 -22.09 -2.54
CA GLY B 343 18.41 -23.37 -2.01
C GLY B 343 19.53 -24.00 -2.82
N LEU B 344 19.33 -24.07 -4.14
CA LEU B 344 20.28 -24.76 -5.00
C LEU B 344 21.66 -24.10 -4.97
N GLY B 345 21.68 -22.76 -4.94
CA GLY B 345 22.95 -22.05 -4.83
C GLY B 345 23.63 -22.27 -3.49
N MET B 346 22.89 -22.10 -2.38
CA MET B 346 23.52 -22.37 -1.08
C MET B 346 24.08 -23.79 -1.02
N GLN B 347 23.37 -24.75 -1.60
CA GLN B 347 23.90 -26.12 -1.62
C GLN B 347 25.22 -26.20 -2.38
N VAL B 348 25.26 -25.62 -3.61
CA VAL B 348 26.49 -25.59 -4.41
C VAL B 348 27.63 -25.00 -3.60
N LYS B 349 27.34 -23.94 -2.89
CA LYS B 349 28.42 -23.32 -2.16
C LYS B 349 28.84 -24.20 -1.00
N VAL B 350 27.90 -24.90 -0.35
CA VAL B 350 28.33 -25.81 0.72
C VAL B 350 29.22 -26.90 0.17
N LEU B 351 28.97 -27.33 -1.07
CA LEU B 351 29.80 -28.35 -1.71
C LEU B 351 31.21 -27.85 -1.97
N ALA B 352 31.34 -26.68 -2.59
CA ALA B 352 32.68 -26.15 -2.86
C ALA B 352 33.41 -25.82 -1.58
N LEU B 353 32.71 -25.41 -0.53
CA LEU B 353 33.38 -24.95 0.67
C LEU B 353 33.98 -26.07 1.53
N ALA B 354 33.52 -27.30 1.39
CA ALA B 354 34.11 -28.42 2.12
C ALA B 354 34.07 -29.64 1.23
N PRO B 355 34.99 -29.73 0.27
CA PRO B 355 34.98 -30.87 -0.65
C PRO B 355 35.47 -32.16 -0.01
N ASP B 356 36.15 -32.07 1.13
CA ASP B 356 36.68 -33.25 1.78
C ASP B 356 35.58 -34.13 2.38
N ALA B 357 34.73 -33.59 3.25
CA ALA B 357 33.73 -34.38 3.96
C ALA B 357 32.34 -33.89 3.53
N THR B 358 31.98 -34.31 2.31
CA THR B 358 30.74 -33.86 1.69
C THR B 358 29.51 -34.37 2.43
N ASP B 359 29.58 -35.60 2.94
CA ASP B 359 28.45 -36.10 3.69
C ASP B 359 28.17 -35.19 4.87
N VAL B 360 29.11 -35.10 5.79
CA VAL B 360 28.86 -34.40 7.04
C VAL B 360 28.42 -32.99 6.75
N ALA B 361 28.97 -32.38 5.71
CA ALA B 361 28.59 -31.02 5.32
C ALA B 361 27.14 -30.96 4.81
N MET B 362 26.73 -31.89 3.95
CA MET B 362 25.33 -31.89 3.54
C MET B 362 24.42 -32.19 4.72
N ALA B 363 24.92 -32.98 5.67
CA ALA B 363 24.19 -33.33 6.87
C ALA B 363 23.91 -32.08 7.68
N LEU B 364 24.98 -31.34 8.00
CA LEU B 364 24.82 -30.06 8.67
C LEU B 364 23.92 -29.13 7.86
N PHE B 365 23.93 -29.27 6.54
CA PHE B 365 23.12 -28.37 5.74
C PHE B 365 21.64 -28.56 6.03
N SER B 366 21.15 -29.79 5.83
CA SER B 366 19.76 -30.08 6.18
C SER B 366 19.46 -29.84 7.64
N GLY B 367 20.47 -29.98 8.52
CA GLY B 367 20.31 -29.68 9.94
C GLY B 367 19.90 -28.24 10.21
N ILE B 368 20.72 -27.30 9.74
CA ILE B 368 20.33 -25.91 9.92
C ILE B 368 19.13 -25.56 9.08
N PHE B 369 18.87 -26.29 7.99
CA PHE B 369 17.69 -26.02 7.18
C PHE B 369 16.40 -26.23 7.98
N ASN B 370 16.30 -27.39 8.64
CA ASN B 370 15.16 -27.66 9.54
C ASN B 370 15.14 -26.67 10.70
N ILE B 371 16.32 -26.29 11.21
CA ILE B 371 16.36 -25.25 12.23
C ILE B 371 15.68 -23.99 11.70
N GLY B 372 15.98 -23.65 10.45
CA GLY B 372 15.45 -22.42 9.86
C GLY B 372 13.97 -22.51 9.56
N ILE B 373 13.51 -23.69 9.12
CA ILE B 373 12.08 -23.91 8.94
C ILE B 373 11.33 -23.67 10.24
N GLY B 374 11.76 -24.35 11.32
CA GLY B 374 11.09 -24.19 12.60
C GLY B 374 11.17 -22.76 13.13
N ALA B 375 12.31 -22.09 12.90
CA ALA B 375 12.41 -20.70 13.32
C ALA B 375 11.40 -19.82 12.57
N GLY B 376 11.32 -19.99 11.25
CA GLY B 376 10.39 -19.20 10.44
C GLY B 376 8.95 -19.46 10.77
N ALA B 377 8.60 -20.71 10.97
CA ALA B 377 7.24 -21.05 11.39
C ALA B 377 6.92 -20.42 12.75
N LEU B 378 7.87 -20.48 13.69
CA LEU B 378 7.59 -19.91 15.01
C LEU B 378 7.41 -18.40 14.96
N VAL B 379 8.23 -17.70 14.15
CA VAL B 379 8.06 -16.25 14.05
C VAL B 379 6.79 -15.87 13.27
N GLY B 380 6.47 -16.60 12.20
CA GLY B 380 5.17 -16.40 11.58
C GLY B 380 4.04 -16.57 12.59
N ASN B 381 4.17 -17.58 13.47
CA ASN B 381 3.20 -17.75 14.55
C ASN B 381 3.11 -16.49 15.38
N GLN B 382 4.26 -16.00 15.85
CA GLN B 382 4.20 -14.85 16.75
C GLN B 382 3.61 -13.62 16.07
N VAL B 383 3.95 -13.39 14.81
CA VAL B 383 3.41 -12.22 14.14
C VAL B 383 1.91 -12.41 13.92
N SER B 384 1.46 -13.63 13.63
CA SER B 384 0.03 -13.86 13.54
C SER B 384 -0.69 -13.61 14.87
N LEU B 385 -0.08 -14.02 15.99
CA LEU B 385 -0.74 -13.94 17.29
C LEU B 385 -0.83 -12.52 17.82
N HIS B 386 0.30 -11.82 17.88
CA HIS B 386 0.29 -10.53 18.58
C HIS B 386 -0.03 -9.39 17.61
N TRP B 387 0.60 -9.39 16.45
CA TRP B 387 0.18 -8.55 15.33
C TRP B 387 -0.85 -9.33 14.52
N SER B 388 -1.23 -8.81 13.37
CA SER B 388 -1.97 -9.56 12.37
C SER B 388 -1.13 -10.62 11.68
N MET B 389 -1.75 -11.76 11.37
CA MET B 389 -1.12 -12.65 10.42
C MET B 389 -0.89 -11.96 9.07
N SER B 390 -1.68 -10.93 8.74
CA SER B 390 -1.49 -10.20 7.49
C SER B 390 -0.14 -9.50 7.36
N MET B 391 0.59 -9.33 8.44
CA MET B 391 1.91 -8.73 8.31
C MET B 391 3.02 -9.73 8.15
N ILE B 392 2.73 -11.05 8.10
CA ILE B 392 3.82 -12.03 8.05
C ILE B 392 4.78 -11.72 6.92
N GLY B 393 4.24 -11.48 5.70
CA GLY B 393 5.10 -11.13 4.58
C GLY B 393 6.06 -10.01 4.93
N TYR B 394 5.51 -8.92 5.47
CA TYR B 394 6.32 -7.78 5.90
C TYR B 394 7.38 -8.20 6.91
N VAL B 395 6.97 -8.92 7.96
CA VAL B 395 7.95 -9.38 8.93
C VAL B 395 9.01 -10.21 8.24
N GLY B 396 8.58 -11.13 7.36
CA GLY B 396 9.54 -11.95 6.65
C GLY B 396 10.53 -11.10 5.87
N ALA B 397 10.09 -9.94 5.39
CA ALA B 397 10.96 -9.11 4.56
C ALA B 397 12.19 -8.64 5.33
N VAL B 398 12.10 -8.52 6.66
CA VAL B 398 13.24 -8.07 7.48
C VAL B 398 14.36 -9.13 7.45
N PRO B 399 14.10 -10.41 7.78
CA PRO B 399 15.18 -11.41 7.62
C PRO B 399 15.69 -11.57 6.19
N ALA B 400 14.78 -11.62 5.19
CA ALA B 400 15.18 -11.66 3.79
C ALA B 400 16.23 -10.62 3.51
N PHE B 401 15.88 -9.35 3.79
CA PHE B 401 16.83 -8.26 3.66
C PHE B 401 18.16 -8.63 4.30
N ALA B 402 18.15 -9.03 5.57
CA ALA B 402 19.35 -9.48 6.26
C ALA B 402 20.14 -10.44 5.38
N ALA B 403 19.52 -11.56 5.02
CA ALA B 403 20.18 -12.51 4.14
C ALA B 403 20.82 -11.78 2.95
N LEU B 404 20.00 -11.05 2.17
CA LEU B 404 20.50 -10.42 0.95
C LEU B 404 21.81 -9.68 1.19
N ILE B 405 21.85 -8.78 2.19
CA ILE B 405 23.09 -8.06 2.48
C ILE B 405 24.23 -9.01 2.78
N TRP B 406 24.09 -9.80 3.86
CA TRP B 406 25.13 -10.77 4.21
C TRP B 406 25.53 -11.59 2.99
N SER B 407 24.54 -11.95 2.18
CA SER B 407 24.78 -12.73 0.97
C SER B 407 25.91 -12.11 0.17
N ILE B 408 25.68 -10.88 -0.28
CA ILE B 408 26.68 -10.13 -1.05
C ILE B 408 28.04 -10.21 -0.38
N ILE B 409 28.08 -9.82 0.90
CA ILE B 409 29.35 -9.75 1.64
C ILE B 409 30.15 -11.04 1.48
N ILE B 410 29.55 -12.18 1.82
CA ILE B 410 30.42 -13.35 1.92
C ILE B 410 30.81 -13.82 0.53
N PHE B 411 29.98 -13.54 -0.47
CA PHE B 411 30.33 -13.97 -1.81
C PHE B 411 31.40 -13.09 -2.41
N ARG B 412 31.54 -11.86 -1.93
CA ARG B 412 32.73 -11.11 -2.34
C ARG B 412 33.98 -11.75 -1.75
N ARG B 413 33.86 -12.28 -0.52
CA ARG B 413 35.02 -12.68 0.30
C ARG B 413 35.45 -14.10 -0.01
N TRP B 414 34.52 -14.98 -0.35
CA TRP B 414 34.90 -16.35 -0.72
C TRP B 414 34.17 -16.75 -1.99
N PRO B 415 34.60 -16.25 -3.12
CA PRO B 415 33.98 -16.66 -4.41
C PRO B 415 34.49 -17.99 -4.93
N VAL B 416 34.11 -19.06 -4.25
CA VAL B 416 34.53 -20.42 -4.57
C VAL B 416 33.29 -21.27 -4.89
N THR B 417 33.36 -22.06 -5.97
CA THR B 417 32.21 -22.73 -6.57
C THR B 417 32.68 -24.04 -7.19
N LEU B 418 31.75 -24.78 -7.77
CA LEU B 418 31.98 -25.97 -8.56
C LEU B 418 31.95 -25.58 -10.05
N GLU B 419 32.06 -26.56 -10.95
CA GLU B 419 31.91 -26.30 -12.39
C GLU B 419 31.24 -27.51 -13.11
N ARG C 35 -20.03 -20.58 7.44
CA ARG C 35 -19.15 -19.90 6.46
C ARG C 35 -19.96 -19.01 5.51
N LYS C 36 -20.79 -19.69 4.67
CA LYS C 36 -21.73 -19.02 3.77
C LYS C 36 -22.84 -18.29 4.52
N VAL C 37 -23.04 -18.66 5.78
CA VAL C 37 -23.87 -17.87 6.67
C VAL C 37 -23.47 -16.40 6.57
N ALA C 38 -22.17 -16.14 6.72
CA ALA C 38 -21.69 -14.78 6.86
C ALA C 38 -22.01 -13.94 5.62
N TRP C 39 -21.90 -14.54 4.42
CA TRP C 39 -22.22 -13.78 3.20
C TRP C 39 -23.68 -13.35 3.15
N LEU C 40 -24.57 -14.14 3.76
CA LEU C 40 -25.98 -13.78 3.73
C LEU C 40 -26.28 -12.54 4.57
N ARG C 41 -25.71 -12.43 5.76
CA ARG C 41 -25.98 -11.25 6.57
C ARG C 41 -25.67 -10.01 5.76
N VAL C 42 -24.57 -10.04 5.02
CA VAL C 42 -24.28 -8.92 4.13
C VAL C 42 -25.40 -8.74 3.12
N VAL C 43 -25.77 -9.81 2.42
CA VAL C 43 -26.72 -9.66 1.33
C VAL C 43 -28.05 -9.10 1.84
N THR C 44 -28.44 -9.48 3.07
CA THR C 44 -29.71 -8.99 3.61
C THR C 44 -29.59 -7.54 4.03
N LEU C 45 -28.45 -7.14 4.60
CA LEU C 45 -28.27 -5.72 4.89
C LEU C 45 -28.39 -4.91 3.62
N ALA C 46 -27.94 -5.49 2.52
CA ALA C 46 -28.07 -4.84 1.22
C ALA C 46 -29.52 -4.77 0.79
N VAL C 47 -30.27 -5.86 1.02
CA VAL C 47 -31.70 -5.83 0.69
C VAL C 47 -32.44 -4.85 1.59
N ALA C 48 -32.04 -4.79 2.85
CA ALA C 48 -32.63 -3.82 3.76
C ALA C 48 -32.34 -2.42 3.26
N ALA C 49 -31.12 -2.20 2.76
CA ALA C 49 -30.78 -0.95 2.08
C ALA C 49 -31.71 -0.71 0.89
N PHE C 50 -31.95 -1.77 0.11
CA PHE C 50 -32.91 -1.66 -0.97
C PHE C 50 -34.22 -1.12 -0.44
N ILE C 51 -34.67 -1.68 0.66
CA ILE C 51 -35.93 -1.26 1.24
C ILE C 51 -35.88 0.21 1.68
N PHE C 52 -34.90 0.57 2.51
CA PHE C 52 -34.89 1.88 3.14
C PHE C 52 -34.70 3.00 2.13
N ASN C 53 -33.82 2.79 1.15
CA ASN C 53 -33.70 3.78 0.08
C ASN C 53 -34.88 3.71 -0.84
N THR C 54 -35.51 2.56 -1.03
CA THR C 54 -36.69 2.56 -1.86
C THR C 54 -37.75 3.45 -1.26
N THR C 55 -38.00 3.33 0.04
CA THR C 55 -38.94 4.24 0.70
C THR C 55 -38.47 5.69 0.64
N GLU C 56 -37.16 5.92 0.79
CA GLU C 56 -36.64 7.28 0.68
C GLU C 56 -36.89 7.85 -0.71
N PHE C 57 -36.92 7.02 -1.75
CA PHE C 57 -36.99 7.49 -3.13
C PHE C 57 -38.41 7.56 -3.67
N VAL C 58 -39.31 6.75 -3.12
CA VAL C 58 -40.63 6.57 -3.73
C VAL C 58 -41.46 7.85 -3.85
N PRO C 59 -41.55 8.75 -2.83
CA PRO C 59 -42.49 9.89 -2.90
C PRO C 59 -42.48 10.70 -4.17
N VAL C 60 -41.32 10.78 -4.82
CA VAL C 60 -41.25 11.48 -6.10
C VAL C 60 -42.25 10.89 -7.10
N GLY C 61 -42.36 9.57 -7.13
CA GLY C 61 -43.26 8.91 -8.07
C GLY C 61 -44.73 8.96 -7.72
N LEU C 62 -45.09 9.40 -6.52
CA LEU C 62 -46.48 9.38 -6.05
C LEU C 62 -47.03 10.77 -5.72
N LEU C 63 -46.25 11.84 -5.96
CA LEU C 63 -46.70 13.19 -5.63
C LEU C 63 -48.10 13.53 -6.18
N SER C 64 -48.34 13.34 -7.47
CA SER C 64 -49.61 13.81 -8.00
C SER C 64 -50.77 12.96 -7.47
N ASP C 65 -50.56 11.67 -7.27
CA ASP C 65 -51.61 10.83 -6.70
C ASP C 65 -51.95 11.23 -5.26
N ILE C 66 -50.95 11.51 -4.43
CA ILE C 66 -51.27 11.93 -3.06
C ILE C 66 -51.96 13.28 -3.07
N ALA C 67 -51.57 14.15 -4.00
CA ALA C 67 -52.23 15.45 -4.12
C ALA C 67 -53.70 15.31 -4.53
N GLN C 68 -53.99 14.42 -5.48
CA GLN C 68 -55.38 14.10 -5.82
C GLN C 68 -56.13 13.56 -4.59
N SER C 69 -55.53 12.57 -3.91
CA SER C 69 -56.15 11.89 -2.79
C SER C 69 -56.22 12.69 -1.48
N PHE C 70 -55.64 13.89 -1.40
CA PHE C 70 -55.93 14.71 -0.22
C PHE C 70 -56.51 16.07 -0.59
N HIS C 71 -56.85 16.29 -1.86
CA HIS C 71 -57.39 17.55 -2.38
C HIS C 71 -56.48 18.73 -2.02
N MET C 72 -55.32 18.75 -2.69
CA MET C 72 -54.30 19.78 -2.53
C MET C 72 -53.40 19.79 -3.76
N GLN C 73 -52.58 20.83 -3.87
CA GLN C 73 -51.64 20.93 -5.00
C GLN C 73 -50.41 20.08 -4.77
N THR C 74 -49.97 19.42 -5.84
CA THR C 74 -48.77 18.59 -5.78
C THR C 74 -47.58 19.33 -5.14
N ALA C 75 -47.55 20.66 -5.30
CA ALA C 75 -46.47 21.47 -4.75
C ALA C 75 -46.48 21.43 -3.21
N GLN C 76 -47.64 21.69 -2.59
CA GLN C 76 -47.74 21.60 -1.13
C GLN C 76 -47.17 20.27 -0.60
N VAL C 77 -47.50 19.16 -1.28
CA VAL C 77 -47.11 17.83 -0.81
C VAL C 77 -45.65 17.48 -1.06
N GLY C 78 -44.99 18.11 -2.04
CA GLY C 78 -43.56 17.86 -2.18
C GLY C 78 -42.74 18.02 -0.90
N ILE C 79 -43.34 18.59 0.16
CA ILE C 79 -42.61 18.88 1.40
C ILE C 79 -42.36 17.69 2.29
N MET C 80 -42.92 16.52 1.98
CA MET C 80 -42.49 15.30 2.66
C MET C 80 -41.04 14.96 2.32
N LEU C 81 -40.64 15.22 1.07
CA LEU C 81 -39.24 15.06 0.69
C LEU C 81 -38.33 15.87 1.61
N THR C 82 -38.62 17.17 1.76
CA THR C 82 -37.82 18.03 2.62
C THR C 82 -37.83 17.56 4.06
N ILE C 83 -39.03 17.26 4.59
CA ILE C 83 -39.13 16.88 6.00
C ILE C 83 -38.31 15.62 6.27
N TYR C 84 -38.46 14.59 5.42
CA TYR C 84 -37.72 13.33 5.60
C TYR C 84 -36.22 13.56 5.51
N ALA C 85 -35.77 14.26 4.45
CA ALA C 85 -34.34 14.44 4.26
C ALA C 85 -33.73 15.21 5.42
N TRP C 86 -34.35 16.36 5.79
CA TRP C 86 -33.77 17.22 6.82
C TRP C 86 -33.77 16.52 8.16
N VAL C 87 -34.79 15.71 8.42
CA VAL C 87 -34.76 14.90 9.63
C VAL C 87 -33.56 13.97 9.59
N VAL C 88 -33.38 13.23 8.48
CA VAL C 88 -32.28 12.28 8.40
C VAL C 88 -30.95 12.97 8.67
N ALA C 89 -30.68 14.04 7.92
CA ALA C 89 -29.45 14.80 8.09
C ALA C 89 -29.28 15.28 9.54
N LEU C 90 -30.19 16.15 10.01
CA LEU C 90 -29.95 16.84 11.28
C LEU C 90 -30.05 15.92 12.49
N MET C 91 -30.71 14.77 12.32
CA MET C 91 -30.96 13.80 13.39
C MET C 91 -30.01 12.60 13.38
N SER C 92 -29.31 12.31 12.28
CA SER C 92 -28.44 11.15 12.28
C SER C 92 -27.34 11.26 13.34
N LEU C 93 -26.71 12.42 13.49
CA LEU C 93 -25.68 12.51 14.53
C LEU C 93 -26.29 12.32 15.92
N PRO C 94 -27.36 13.02 16.32
CA PRO C 94 -27.88 12.80 17.69
C PRO C 94 -28.42 11.42 17.93
N PHE C 95 -28.98 10.75 16.93
CA PHE C 95 -29.47 9.39 17.15
C PHE C 95 -28.32 8.40 17.30
N MET C 96 -27.35 8.43 16.37
CA MET C 96 -26.12 7.62 16.45
C MET C 96 -25.30 7.93 17.70
N LEU C 97 -25.49 9.09 18.31
CA LEU C 97 -24.86 9.38 19.60
C LEU C 97 -25.69 8.78 20.74
N MET C 98 -27.01 8.96 20.68
CA MET C 98 -27.90 8.50 21.75
C MET C 98 -27.99 7.00 21.81
N THR C 99 -27.78 6.33 20.69
CA THR C 99 -27.87 4.87 20.58
C THR C 99 -26.51 4.19 20.71
N SER C 100 -25.46 4.97 21.02
CA SER C 100 -24.08 4.54 20.87
C SER C 100 -23.73 3.34 21.74
N GLN C 101 -24.47 3.08 22.80
CA GLN C 101 -23.98 2.09 23.76
C GLN C 101 -24.31 0.68 23.31
N VAL C 102 -25.56 0.43 22.94
CA VAL C 102 -26.02 -0.93 22.61
C VAL C 102 -26.44 -0.94 21.14
N GLU C 103 -25.49 -1.29 20.28
CA GLU C 103 -25.71 -1.66 18.90
C GLU C 103 -26.06 -3.13 18.75
N ARG C 104 -26.51 -3.79 19.82
CA ARG C 104 -26.90 -5.17 19.67
C ARG C 104 -27.98 -5.27 18.57
N ARG C 105 -28.23 -6.49 18.07
CA ARG C 105 -29.28 -6.68 17.06
C ARG C 105 -30.61 -6.07 17.49
N LYS C 106 -30.78 -5.82 18.80
CA LYS C 106 -31.92 -5.10 19.33
C LYS C 106 -32.21 -3.85 18.51
N LEU C 107 -31.17 -3.09 18.16
CA LEU C 107 -31.38 -1.81 17.50
C LEU C 107 -31.90 -1.99 16.07
N LEU C 108 -31.32 -2.91 15.30
CA LEU C 108 -31.90 -3.18 13.98
C LEU C 108 -33.37 -3.59 14.08
N ILE C 109 -33.72 -4.43 15.08
CA ILE C 109 -35.11 -4.90 15.19
C ILE C 109 -36.05 -3.75 15.54
N CYS C 110 -35.64 -2.90 16.48
CA CYS C 110 -36.40 -1.71 16.80
C CYS C 110 -36.61 -0.85 15.56
N LEU C 111 -35.53 -0.62 14.79
CA LEU C 111 -35.63 0.15 13.55
C LEU C 111 -36.69 -0.41 12.61
N PHE C 112 -36.55 -1.70 12.27
CA PHE C 112 -37.48 -2.30 11.31
C PHE C 112 -38.91 -2.26 11.86
N VAL C 113 -39.06 -2.43 13.16
CA VAL C 113 -40.39 -2.31 13.75
C VAL C 113 -40.97 -0.93 13.50
N VAL C 114 -40.25 0.11 13.89
CA VAL C 114 -40.81 1.41 13.63
C VAL C 114 -40.93 1.69 12.13
N PHE C 115 -40.12 1.02 11.31
CA PHE C 115 -40.18 1.25 9.87
C PHE C 115 -41.46 0.68 9.31
N ILE C 116 -41.78 -0.57 9.68
CA ILE C 116 -43.00 -1.23 9.23
C ILE C 116 -44.22 -0.61 9.89
N ALA C 117 -44.10 -0.21 11.14
CA ALA C 117 -45.17 0.52 11.81
C ALA C 117 -45.48 1.81 11.06
N SER C 118 -44.46 2.64 10.88
CA SER C 118 -44.65 3.88 10.16
C SER C 118 -45.23 3.63 8.78
N HIS C 119 -44.83 2.52 8.14
CA HIS C 119 -45.34 2.24 6.80
C HIS C 119 -46.80 1.81 6.83
N VAL C 120 -47.20 1.06 7.86
CA VAL C 120 -48.62 0.72 7.96
C VAL C 120 -49.42 1.96 8.30
N LEU C 121 -48.84 2.87 9.08
CA LEU C 121 -49.47 4.16 9.31
C LEU C 121 -49.62 4.92 8.01
N SER C 122 -48.58 4.91 7.17
CA SER C 122 -48.68 5.51 5.84
C SER C 122 -49.77 4.83 5.00
N PHE C 123 -49.96 3.52 5.19
CA PHE C 123 -51.06 2.86 4.50
C PHE C 123 -52.40 3.45 4.95
N LEU C 124 -52.57 3.63 6.25
CA LEU C 124 -53.81 4.09 6.89
C LEU C 124 -53.88 5.61 7.09
N SER C 125 -53.18 6.39 6.26
CA SER C 125 -53.11 7.84 6.51
C SER C 125 -54.45 8.50 6.23
N TRP C 126 -54.95 9.28 7.19
CA TRP C 126 -56.22 9.99 7.00
C TRP C 126 -56.09 11.51 6.96
N SER C 127 -54.88 12.04 6.99
CA SER C 127 -54.63 13.48 7.00
C SER C 127 -53.19 13.67 6.52
N PHE C 128 -52.96 14.69 5.69
CA PHE C 128 -51.58 14.94 5.27
C PHE C 128 -50.68 15.06 6.49
N THR C 129 -51.17 15.73 7.54
CA THR C 129 -50.41 15.91 8.78
C THR C 129 -50.04 14.57 9.39
N VAL C 130 -50.95 13.62 9.31
CA VAL C 130 -50.66 12.26 9.72
C VAL C 130 -49.49 11.71 8.92
N LEU C 131 -49.55 11.84 7.59
CA LEU C 131 -48.56 11.22 6.72
C LEU C 131 -47.17 11.82 6.95
N VAL C 132 -47.08 13.12 7.16
CA VAL C 132 -45.80 13.70 7.50
C VAL C 132 -45.30 13.08 8.81
N ILE C 133 -46.21 12.84 9.78
CA ILE C 133 -45.84 12.14 11.02
C ILE C 133 -45.28 10.74 10.70
N SER C 134 -45.90 10.07 9.74
CA SER C 134 -45.47 8.74 9.32
C SER C 134 -44.06 8.79 8.69
N ARG C 135 -43.84 9.76 7.80
CA ARG C 135 -42.53 9.95 7.21
C ARG C 135 -41.47 10.25 8.26
N ILE C 136 -41.83 11.03 9.29
CA ILE C 136 -40.90 11.34 10.39
C ILE C 136 -40.45 10.06 11.09
N GLY C 137 -41.38 9.12 11.30
CA GLY C 137 -40.98 7.81 11.81
C GLY C 137 -40.07 7.06 10.86
N VAL C 138 -40.40 7.09 9.56
CA VAL C 138 -39.57 6.44 8.54
C VAL C 138 -38.16 6.97 8.57
N ALA C 139 -38.03 8.27 8.74
CA ALA C 139 -36.72 8.89 8.81
C ALA C 139 -35.99 8.44 10.07
N PHE C 140 -36.69 8.33 11.18
CA PHE C 140 -35.99 7.85 12.38
C PHE C 140 -35.36 6.49 12.12
N ALA C 141 -36.16 5.56 11.57
CA ALA C 141 -35.70 4.19 11.29
C ALA C 141 -34.55 4.15 10.26
N ALA C 142 -34.71 4.86 9.14
CA ALA C 142 -33.65 4.92 8.15
C ALA C 142 -32.39 5.62 8.69
N ALA C 143 -32.54 6.68 9.49
CA ALA C 143 -31.39 7.38 10.04
C ALA C 143 -30.53 6.43 10.85
N ILE C 144 -31.16 5.77 11.83
CA ILE C 144 -30.38 4.82 12.62
C ILE C 144 -29.90 3.67 11.73
N PHE C 145 -30.75 3.23 10.79
CA PHE C 145 -30.32 2.15 9.92
C PHE C 145 -29.07 2.55 9.14
N TRP C 146 -29.00 3.79 8.66
CA TRP C 146 -27.89 4.11 7.76
C TRP C 146 -26.58 4.16 8.52
N SER C 147 -26.56 4.85 9.67
CA SER C 147 -25.30 4.84 10.43
C SER C 147 -24.86 3.40 10.72
N ILE C 148 -25.77 2.61 11.29
CA ILE C 148 -25.36 1.26 11.70
C ILE C 148 -25.11 0.31 10.50
N THR C 149 -25.84 0.47 9.40
CA THR C 149 -25.70 -0.43 8.26
C THR C 149 -24.36 -0.25 7.60
N ALA C 150 -24.00 1.03 7.37
CA ALA C 150 -22.65 1.35 6.96
C ALA C 150 -21.69 0.52 7.80
N SER C 151 -21.80 0.67 9.13
CA SER C 151 -20.91 -0.07 10.04
C SER C 151 -20.94 -1.60 9.86
N LEU C 152 -22.16 -2.17 9.80
CA LEU C 152 -22.34 -3.61 9.95
C LEU C 152 -21.93 -4.37 8.71
N ALA C 153 -22.13 -3.77 7.53
CA ALA C 153 -21.77 -4.42 6.28
C ALA C 153 -20.37 -4.97 6.35
N ILE C 154 -19.55 -4.37 7.22
CA ILE C 154 -18.17 -4.77 7.41
C ILE C 154 -18.07 -6.07 8.20
N ARG C 155 -18.65 -6.07 9.40
CA ARG C 155 -18.42 -7.15 10.34
C ARG C 155 -18.84 -8.53 9.84
N MET C 156 -19.48 -8.64 8.68
CA MET C 156 -20.09 -9.91 8.31
C MET C 156 -19.32 -10.68 7.25
N ALA C 157 -18.06 -10.34 6.97
CA ALA C 157 -17.42 -11.25 6.04
C ALA C 157 -15.93 -11.26 6.38
N PRO C 158 -15.24 -12.45 6.29
CA PRO C 158 -13.80 -12.50 6.62
C PRO C 158 -12.91 -11.93 5.53
N ALA C 159 -13.36 -12.08 4.29
CA ALA C 159 -12.54 -11.82 3.14
C ALA C 159 -12.08 -10.38 3.09
N GLY C 160 -11.09 -10.12 2.23
CA GLY C 160 -10.80 -8.77 1.79
C GLY C 160 -11.97 -8.16 1.05
N LYS C 161 -12.97 -9.02 0.68
CA LYS C 161 -14.27 -8.68 0.17
C LYS C 161 -15.15 -7.97 1.26
N ARG C 162 -14.50 -7.70 2.40
CA ARG C 162 -15.02 -6.74 3.37
C ARG C 162 -15.22 -5.38 2.71
N ALA C 163 -14.42 -5.10 1.67
CA ALA C 163 -14.75 -3.93 0.86
C ALA C 163 -15.90 -4.27 -0.09
N GLN C 164 -15.87 -5.44 -0.71
CA GLN C 164 -16.94 -5.78 -1.62
C GLN C 164 -18.30 -5.87 -0.94
N ALA C 165 -18.35 -6.25 0.34
CA ALA C 165 -19.62 -6.29 1.08
C ALA C 165 -20.24 -4.89 1.17
N LEU C 166 -19.40 -3.86 1.36
CA LEU C 166 -19.89 -2.47 1.22
C LEU C 166 -20.53 -2.25 -0.13
N SER C 167 -19.83 -2.65 -1.20
CA SER C 167 -20.41 -2.44 -2.51
C SER C 167 -21.77 -3.11 -2.58
N LEU C 168 -21.95 -4.21 -1.85
CA LEU C 168 -23.25 -4.89 -1.86
C LEU C 168 -24.32 -3.99 -1.31
N ILE C 169 -24.09 -3.40 -0.14
CA ILE C 169 -25.18 -2.60 0.37
C ILE C 169 -25.31 -1.37 -0.51
N ALA C 170 -24.21 -0.90 -1.11
CA ALA C 170 -24.34 0.18 -2.08
C ALA C 170 -25.20 -0.24 -3.24
N THR C 171 -24.97 -1.44 -3.78
CA THR C 171 -25.82 -1.92 -4.86
C THR C 171 -27.27 -1.99 -4.41
N GLY C 172 -27.52 -2.34 -3.15
CA GLY C 172 -28.88 -2.32 -2.69
C GLY C 172 -29.50 -0.93 -2.85
N THR C 173 -28.82 0.09 -2.32
CA THR C 173 -29.37 1.45 -2.45
C THR C 173 -29.37 1.88 -3.90
N ALA C 174 -28.38 1.43 -4.67
CA ALA C 174 -28.39 1.72 -6.09
C ALA C 174 -29.68 1.19 -6.72
N LEU C 175 -29.97 -0.10 -6.48
CA LEU C 175 -31.20 -0.71 -6.99
C LEU C 175 -32.44 0.02 -6.52
N ALA C 176 -32.39 0.58 -5.31
CA ALA C 176 -33.52 1.34 -4.83
C ALA C 176 -33.86 2.47 -5.80
N MET C 177 -32.85 3.22 -6.23
CA MET C 177 -33.16 4.28 -7.17
C MET C 177 -33.39 3.75 -8.59
N VAL C 178 -32.90 2.56 -8.90
CA VAL C 178 -33.09 2.03 -10.24
C VAL C 178 -34.40 1.26 -10.35
N LEU C 179 -34.71 0.42 -9.36
CA LEU C 179 -35.94 -0.38 -9.35
C LEU C 179 -36.93 0.01 -8.28
N GLY C 180 -36.45 0.34 -7.08
CA GLY C 180 -37.37 0.55 -5.97
C GLY C 180 -38.33 1.68 -6.24
N LEU C 181 -37.84 2.77 -6.81
CA LEU C 181 -38.75 3.86 -7.16
C LEU C 181 -39.72 3.45 -8.27
N PRO C 182 -39.28 2.92 -9.42
CA PRO C 182 -40.27 2.53 -10.44
C PRO C 182 -41.15 1.34 -10.06
N LEU C 183 -40.63 0.37 -9.28
CA LEU C 183 -41.51 -0.66 -8.74
C LEU C 183 -42.61 -0.06 -7.87
N GLY C 184 -42.23 0.82 -6.95
CA GLY C 184 -43.24 1.49 -6.16
C GLY C 184 -44.26 2.25 -7.01
N ARG C 185 -43.80 2.93 -8.06
CA ARG C 185 -44.76 3.70 -8.85
C ARG C 185 -45.67 2.79 -9.65
N ILE C 186 -45.17 1.66 -10.16
CA ILE C 186 -46.12 0.84 -10.91
C ILE C 186 -47.09 0.17 -9.94
N VAL C 187 -46.64 -0.21 -8.74
CA VAL C 187 -47.59 -0.75 -7.77
C VAL C 187 -48.58 0.33 -7.34
N GLY C 188 -48.18 1.62 -7.41
CA GLY C 188 -49.12 2.70 -7.19
C GLY C 188 -50.08 2.92 -8.34
N GLN C 189 -49.55 2.87 -9.58
CA GLN C 189 -50.29 2.95 -10.84
C GLN C 189 -51.38 1.90 -10.92
N TYR C 190 -51.16 0.72 -10.33
CA TYR C 190 -52.22 -0.28 -10.23
C TYR C 190 -53.09 -0.12 -8.97
N PHE C 191 -52.48 -0.13 -7.77
CA PHE C 191 -53.24 -0.36 -6.53
C PHE C 191 -53.19 0.79 -5.54
N GLY C 192 -52.94 2.04 -5.94
CA GLY C 192 -52.81 3.04 -4.89
C GLY C 192 -51.47 3.15 -4.20
N TRP C 193 -51.11 4.37 -3.87
CA TRP C 193 -49.86 4.57 -3.15
C TRP C 193 -49.87 3.93 -1.76
N ARG C 194 -51.05 3.75 -1.17
CA ARG C 194 -51.11 3.04 0.08
C ARG C 194 -50.58 1.62 -0.08
N MET C 195 -50.92 0.96 -1.19
CA MET C 195 -50.37 -0.36 -1.47
C MET C 195 -48.88 -0.29 -1.76
N THR C 196 -48.41 0.79 -2.37
CA THR C 196 -46.97 0.97 -2.47
C THR C 196 -46.32 0.83 -1.09
N PHE C 197 -46.64 1.77 -0.17
CA PHE C 197 -46.05 1.81 1.17
C PHE C 197 -46.32 0.54 1.98
N PHE C 198 -47.47 -0.11 1.77
CA PHE C 198 -47.74 -1.35 2.47
C PHE C 198 -46.84 -2.46 1.93
N ALA C 199 -46.70 -2.55 0.62
CA ALA C 199 -45.78 -3.52 0.02
C ALA C 199 -44.37 -3.29 0.53
N ILE C 200 -43.97 -2.02 0.70
CA ILE C 200 -42.63 -1.71 1.21
C ILE C 200 -42.51 -2.10 2.68
N GLY C 201 -43.55 -1.85 3.48
CA GLY C 201 -43.55 -2.35 4.85
C GLY C 201 -43.56 -3.86 4.89
N ILE C 202 -44.09 -4.52 3.86
CA ILE C 202 -44.08 -5.98 3.80
C ILE C 202 -42.73 -6.51 3.35
N GLY C 203 -42.08 -5.84 2.39
CA GLY C 203 -40.70 -6.14 2.08
C GLY C 203 -39.79 -5.90 3.28
N ALA C 204 -40.05 -4.80 4.01
CA ALA C 204 -39.35 -4.54 5.26
C ALA C 204 -39.65 -5.61 6.31
N LEU C 205 -40.89 -6.07 6.39
CA LEU C 205 -41.22 -7.12 7.34
C LEU C 205 -40.52 -8.42 7.00
N ILE C 206 -40.54 -8.83 5.73
CA ILE C 206 -39.84 -10.06 5.36
C ILE C 206 -38.33 -9.93 5.59
N THR C 207 -37.73 -8.75 5.30
CA THR C 207 -36.30 -8.65 5.56
C THR C 207 -36.02 -8.56 7.04
N LEU C 208 -37.01 -8.06 7.82
CA LEU C 208 -36.91 -8.11 9.27
C LEU C 208 -36.82 -9.54 9.75
N LEU C 209 -37.67 -10.41 9.20
CA LEU C 209 -37.60 -11.82 9.56
C LEU C 209 -36.26 -12.43 9.17
N CYS C 210 -35.84 -12.19 7.92
CA CYS C 210 -34.54 -12.68 7.45
C CYS C 210 -33.46 -12.34 8.44
N LEU C 211 -33.53 -11.10 8.97
CA LEU C 211 -32.58 -10.63 9.96
C LEU C 211 -32.66 -11.46 11.25
N ILE C 212 -33.87 -11.66 11.79
CA ILE C 212 -33.95 -12.22 13.14
C ILE C 212 -33.27 -13.58 13.27
N LYS C 213 -33.32 -14.42 12.25
CA LYS C 213 -32.73 -15.74 12.48
C LYS C 213 -31.24 -15.80 12.19
N LEU C 214 -30.61 -14.70 11.77
CA LEU C 214 -29.15 -14.67 11.52
C LEU C 214 -28.49 -13.43 12.15
N LEU C 215 -28.64 -13.29 13.47
CA LEU C 215 -27.91 -12.25 14.17
C LEU C 215 -26.83 -12.87 15.03
N PRO C 216 -25.67 -12.25 15.16
CA PRO C 216 -24.66 -12.79 16.08
C PRO C 216 -24.70 -12.09 17.44
N LEU C 217 -25.21 -10.85 17.49
CA LEU C 217 -25.42 -10.00 18.67
C LEU C 217 -24.16 -9.38 19.28
N LEU C 218 -23.62 -8.38 18.61
CA LEU C 218 -22.37 -7.73 19.00
C LEU C 218 -22.61 -6.27 19.37
N PRO C 219 -21.90 -5.70 20.37
CA PRO C 219 -22.12 -4.28 20.73
C PRO C 219 -20.93 -3.32 20.49
N GLY C 224 -14.47 8.40 18.44
CA GLY C 224 -13.92 8.32 17.10
C GLY C 224 -14.64 9.21 16.11
N SER C 225 -15.58 10.01 16.63
CA SER C 225 -16.24 11.06 15.87
C SER C 225 -15.94 12.42 16.44
N LEU C 226 -15.85 12.50 17.77
CA LEU C 226 -15.67 13.78 18.48
C LEU C 226 -14.48 14.53 17.94
N LYS C 227 -13.30 13.91 18.01
CA LYS C 227 -12.11 14.61 17.54
C LYS C 227 -12.11 14.79 16.03
N SER C 228 -12.75 13.89 15.29
CA SER C 228 -12.73 14.03 13.84
C SER C 228 -13.49 15.27 13.37
N LEU C 229 -14.67 15.50 13.95
CA LEU C 229 -15.61 16.51 13.43
C LEU C 229 -15.08 17.93 13.40
N PRO C 230 -14.44 18.46 14.46
CA PRO C 230 -14.01 19.86 14.36
C PRO C 230 -12.92 20.07 13.33
N LEU C 231 -11.93 19.17 13.30
CA LEU C 231 -10.83 19.29 12.34
C LEU C 231 -11.32 19.20 10.90
N LEU C 232 -12.26 18.27 10.66
CA LEU C 232 -12.91 18.16 9.35
C LEU C 232 -13.65 19.45 9.01
N PHE C 233 -14.35 20.02 10.00
CA PHE C 233 -14.97 21.32 9.80
C PHE C 233 -13.91 22.38 9.53
N ARG C 234 -12.65 22.12 9.85
CA ARG C 234 -11.65 23.15 9.63
C ARG C 234 -11.05 23.14 8.23
N ARG C 235 -10.97 21.99 7.57
CA ARG C 235 -10.30 21.99 6.27
C ARG C 235 -11.17 22.73 5.26
N PRO C 236 -10.70 23.83 4.68
CA PRO C 236 -11.54 24.59 3.76
C PRO C 236 -11.82 23.90 2.44
N ALA C 237 -10.91 23.08 1.92
CA ALA C 237 -11.23 22.35 0.69
C ALA C 237 -12.41 21.41 0.90
N LEU C 238 -12.40 20.67 2.00
CA LEU C 238 -13.52 19.81 2.34
C LEU C 238 -14.80 20.59 2.52
N MET C 239 -14.73 21.69 3.29
CA MET C 239 -15.92 22.53 3.49
C MET C 239 -16.39 23.15 2.18
N SER C 240 -15.48 23.43 1.26
CA SER C 240 -15.90 23.92 -0.05
C SER C 240 -16.56 22.80 -0.83
N ILE C 241 -16.04 21.58 -0.70
CA ILE C 241 -16.72 20.48 -1.38
C ILE C 241 -18.10 20.30 -0.81
N TYR C 242 -18.22 20.33 0.52
CA TYR C 242 -19.50 20.14 1.17
C TYR C 242 -20.50 21.19 0.70
N LEU C 243 -20.06 22.45 0.69
CA LEU C 243 -20.86 23.54 0.17
C LEU C 243 -21.26 23.31 -1.27
N LEU C 244 -20.28 22.97 -2.10
CA LEU C 244 -20.53 22.85 -3.52
C LEU C 244 -21.55 21.76 -3.75
N THR C 245 -21.43 20.67 -2.97
CA THR C 245 -22.41 19.58 -2.97
C THR C 245 -23.78 20.11 -2.63
N VAL C 246 -23.89 20.83 -1.51
CA VAL C 246 -25.20 21.30 -1.07
C VAL C 246 -25.85 22.12 -2.17
N VAL C 247 -25.08 22.99 -2.79
CA VAL C 247 -25.64 23.86 -3.82
C VAL C 247 -26.03 23.06 -5.07
N VAL C 248 -25.15 22.19 -5.56
CA VAL C 248 -25.44 21.50 -6.81
C VAL C 248 -26.59 20.51 -6.62
N VAL C 249 -26.66 19.84 -5.47
CA VAL C 249 -27.76 18.91 -5.24
C VAL C 249 -29.07 19.68 -5.04
N THR C 250 -29.04 20.86 -4.40
CA THR C 250 -30.23 21.69 -4.31
C THR C 250 -30.71 22.13 -5.70
N ALA C 251 -29.79 22.57 -6.55
CA ALA C 251 -30.13 22.89 -7.93
C ALA C 251 -30.82 21.72 -8.60
N HIS C 252 -30.27 20.52 -8.41
CA HIS C 252 -30.80 19.32 -9.05
C HIS C 252 -32.22 19.03 -8.59
N TYR C 253 -32.43 19.06 -7.27
CA TYR C 253 -33.71 18.64 -6.71
C TYR C 253 -34.80 19.69 -6.84
N THR C 254 -34.46 20.98 -7.01
CA THR C 254 -35.47 22.00 -7.34
C THR C 254 -36.26 21.60 -8.58
N ALA C 255 -35.60 21.00 -9.57
CA ALA C 255 -36.30 20.50 -10.74
C ALA C 255 -36.81 19.07 -10.53
N TYR C 256 -35.92 18.18 -10.06
CA TYR C 256 -36.23 16.75 -10.10
C TYR C 256 -37.40 16.36 -9.18
N SER C 257 -37.54 16.99 -8.00
CA SER C 257 -38.60 16.54 -7.11
C SER C 257 -39.94 16.55 -7.79
N TYR C 258 -40.20 17.56 -8.63
CA TYR C 258 -41.50 17.68 -9.25
C TYR C 258 -41.47 17.35 -10.73
N ILE C 259 -40.81 16.24 -11.07
CA ILE C 259 -40.68 15.84 -12.47
C ILE C 259 -41.98 15.12 -12.84
N GLU C 260 -42.58 14.35 -11.93
CA GLU C 260 -43.90 13.77 -12.25
C GLU C 260 -44.91 14.83 -12.65
N PRO C 261 -45.32 15.74 -11.75
CA PRO C 261 -46.22 16.82 -12.17
C PRO C 261 -45.79 17.69 -13.31
N PHE C 262 -44.49 17.85 -13.52
CA PHE C 262 -44.03 18.62 -14.66
C PHE C 262 -44.47 17.93 -15.95
N VAL C 263 -44.29 16.60 -16.00
CA VAL C 263 -44.63 15.82 -17.19
C VAL C 263 -46.14 15.81 -17.45
N GLN C 264 -46.95 15.72 -16.40
CA GLN C 264 -48.41 15.65 -16.59
C GLN C 264 -49.03 17.05 -16.64
N ASN C 265 -49.05 17.76 -15.51
CA ASN C 265 -49.68 19.07 -15.42
C ASN C 265 -49.11 20.13 -16.38
N ILE C 266 -47.88 19.98 -16.88
CA ILE C 266 -47.17 21.06 -17.56
C ILE C 266 -46.75 20.64 -18.97
N ALA C 267 -46.09 19.48 -19.10
CA ALA C 267 -45.73 18.90 -20.39
C ALA C 267 -46.88 18.13 -21.04
N GLY C 268 -47.90 17.77 -20.25
CA GLY C 268 -49.11 17.14 -20.71
C GLY C 268 -49.02 15.65 -20.98
N PHE C 269 -47.88 15.02 -20.73
CA PHE C 269 -47.66 13.67 -21.23
C PHE C 269 -48.31 12.63 -20.32
N SER C 270 -48.19 11.36 -20.77
CA SER C 270 -48.83 10.21 -20.15
C SER C 270 -48.38 10.05 -18.69
N ALA C 271 -49.09 9.21 -17.94
CA ALA C 271 -48.61 8.84 -16.61
C ALA C 271 -47.58 7.71 -16.72
N ASN C 272 -47.81 6.79 -17.65
CA ASN C 272 -46.81 5.79 -18.04
C ASN C 272 -45.54 6.44 -18.58
N PHE C 273 -45.68 7.64 -19.18
CA PHE C 273 -44.50 8.39 -19.60
C PHE C 273 -43.73 8.92 -18.39
N ALA C 274 -44.43 9.29 -17.32
CA ALA C 274 -43.72 9.64 -16.10
C ALA C 274 -42.96 8.45 -15.55
N THR C 275 -43.58 7.27 -15.57
CA THR C 275 -42.85 6.07 -15.14
C THR C 275 -41.67 5.77 -16.07
N ALA C 276 -41.86 5.98 -17.38
CA ALA C 276 -40.77 5.83 -18.34
C ALA C 276 -39.60 6.77 -18.04
N LEU C 277 -39.89 8.02 -17.70
CA LEU C 277 -38.84 8.98 -17.33
C LEU C 277 -38.09 8.52 -16.10
N LEU C 278 -38.81 7.96 -15.12
CA LEU C 278 -38.10 7.50 -13.92
C LEU C 278 -37.19 6.30 -14.23
N LEU C 279 -37.67 5.37 -15.05
CA LEU C 279 -36.82 4.27 -15.48
C LEU C 279 -35.61 4.79 -16.26
N LEU C 280 -35.80 5.83 -17.06
CA LEU C 280 -34.66 6.40 -17.78
C LEU C 280 -33.66 7.09 -16.84
N LEU C 281 -34.15 7.87 -15.87
CA LEU C 281 -33.26 8.52 -14.93
C LEU C 281 -32.45 7.50 -14.14
N GLY C 282 -33.08 6.40 -13.73
CA GLY C 282 -32.32 5.32 -13.11
C GLY C 282 -31.25 4.77 -14.03
N GLY C 283 -31.65 4.44 -15.27
CA GLY C 283 -30.70 3.85 -16.20
C GLY C 283 -29.55 4.78 -16.54
N ALA C 284 -29.84 6.08 -16.64
CA ALA C 284 -28.80 7.04 -16.91
C ALA C 284 -27.84 7.14 -15.72
N GLY C 285 -28.36 7.00 -14.49
CA GLY C 285 -27.45 6.91 -13.35
C GLY C 285 -26.51 5.73 -13.46
N ILE C 286 -27.01 4.60 -13.96
CA ILE C 286 -26.15 3.43 -14.15
C ILE C 286 -25.07 3.71 -15.21
N ILE C 287 -25.46 4.34 -16.32
CA ILE C 287 -24.48 4.67 -17.36
C ILE C 287 -23.45 5.70 -16.85
N GLY C 288 -23.87 6.65 -16.00
CA GLY C 288 -22.92 7.60 -15.42
C GLY C 288 -21.93 6.93 -14.48
N SER C 289 -22.39 5.93 -13.71
CA SER C 289 -21.48 5.16 -12.86
C SER C 289 -20.40 4.46 -13.67
N VAL C 290 -20.79 3.81 -14.77
CA VAL C 290 -19.71 3.14 -15.54
C VAL C 290 -18.83 4.15 -16.28
N ILE C 291 -19.36 5.32 -16.65
CA ILE C 291 -18.52 6.36 -17.29
C ILE C 291 -17.43 6.85 -16.34
N PHE C 292 -17.82 7.13 -15.10
CA PHE C 292 -16.85 7.51 -14.08
C PHE C 292 -15.84 6.39 -13.84
N GLY C 293 -16.32 5.14 -13.74
CA GLY C 293 -15.44 4.00 -13.48
C GLY C 293 -14.42 3.71 -14.57
N LYS C 294 -14.82 3.89 -15.84
CA LYS C 294 -13.88 3.72 -16.95
C LYS C 294 -12.87 4.86 -17.01
N LEU C 295 -13.34 6.12 -16.91
CA LEU C 295 -12.40 7.23 -17.09
C LEU C 295 -11.33 7.26 -16.02
N GLY C 296 -11.70 7.00 -14.77
CA GLY C 296 -10.79 7.05 -13.66
C GLY C 296 -10.78 8.41 -12.98
N ASN C 297 -10.11 8.46 -11.84
CA ASN C 297 -10.12 9.62 -10.95
C ASN C 297 -9.15 10.71 -11.38
N GLN C 298 -8.27 10.46 -12.35
CA GLN C 298 -7.35 11.48 -12.82
C GLN C 298 -8.07 12.77 -13.24
N TYR C 299 -9.20 12.65 -13.93
CA TYR C 299 -9.93 13.81 -14.41
C TYR C 299 -11.08 14.24 -13.48
N ALA C 300 -11.05 13.83 -12.20
CA ALA C 300 -12.20 13.99 -11.31
C ALA C 300 -12.74 15.41 -11.32
N SER C 301 -11.89 16.37 -10.96
CA SER C 301 -12.28 17.78 -10.99
C SER C 301 -12.87 18.13 -12.36
N ALA C 302 -12.14 17.79 -13.43
CA ALA C 302 -12.61 18.00 -14.78
C ALA C 302 -13.99 17.39 -14.98
N LEU C 303 -14.12 16.08 -14.68
CA LEU C 303 -15.41 15.43 -14.82
C LEU C 303 -16.48 16.20 -14.07
N VAL C 304 -16.25 16.44 -12.79
CA VAL C 304 -17.31 17.05 -12.00
C VAL C 304 -17.67 18.39 -12.60
N SER C 305 -16.67 19.19 -12.95
CA SER C 305 -16.97 20.53 -13.44
C SER C 305 -17.82 20.45 -14.70
N THR C 306 -17.41 19.63 -15.66
CA THR C 306 -18.22 19.50 -16.86
C THR C 306 -19.58 18.93 -16.50
N ALA C 307 -19.61 18.02 -15.53
CA ALA C 307 -20.89 17.46 -15.11
C ALA C 307 -21.82 18.55 -14.67
N ILE C 308 -21.30 19.51 -13.89
CA ILE C 308 -22.14 20.59 -13.41
C ILE C 308 -22.67 21.39 -14.59
N ALA C 309 -21.81 21.66 -15.58
CA ALA C 309 -22.26 22.34 -16.78
C ALA C 309 -23.43 21.60 -17.43
N LEU C 310 -23.26 20.29 -17.66
CA LEU C 310 -24.35 19.50 -18.25
C LEU C 310 -25.66 19.71 -17.49
N LEU C 311 -25.61 19.60 -16.17
CA LEU C 311 -26.84 19.74 -15.40
C LEU C 311 -27.49 21.08 -15.69
N LEU C 312 -26.66 22.15 -15.76
CA LEU C 312 -27.19 23.47 -16.04
C LEU C 312 -27.98 23.46 -17.35
N VAL C 313 -27.39 22.91 -18.41
CA VAL C 313 -28.06 22.89 -19.71
C VAL C 313 -29.44 22.21 -19.61
N CYS C 314 -29.50 21.07 -18.90
CA CYS C 314 -30.78 20.36 -18.81
C CYS C 314 -31.83 21.20 -18.10
N LEU C 315 -31.45 21.85 -17.00
CA LEU C 315 -32.41 22.68 -16.29
C LEU C 315 -32.92 23.77 -17.21
N ALA C 316 -32.02 24.28 -18.09
CA ALA C 316 -32.42 25.21 -19.14
C ALA C 316 -33.33 24.51 -20.14
N LEU C 317 -32.89 23.37 -20.66
CA LEU C 317 -33.69 22.62 -21.60
C LEU C 317 -34.89 21.90 -20.96
N LEU C 318 -35.25 22.08 -19.69
CA LEU C 318 -36.36 21.29 -19.12
C LEU C 318 -37.66 21.59 -19.85
N LEU C 319 -38.10 22.83 -19.82
CA LEU C 319 -39.35 23.17 -20.49
C LEU C 319 -39.26 22.98 -22.00
N PRO C 320 -38.24 23.49 -22.71
CA PRO C 320 -38.18 23.24 -24.17
C PRO C 320 -38.20 21.77 -24.57
N ALA C 321 -37.57 20.91 -23.78
CA ALA C 321 -37.62 19.49 -24.09
C ALA C 321 -38.98 18.88 -23.86
N ALA C 322 -39.92 19.66 -23.32
CA ALA C 322 -41.26 19.14 -23.06
C ALA C 322 -42.18 19.17 -24.28
N ASN C 323 -41.84 19.89 -25.36
CA ASN C 323 -42.74 19.94 -26.51
C ASN C 323 -42.89 18.58 -27.18
N SER C 324 -41.98 17.68 -26.91
CA SER C 324 -41.99 16.34 -27.48
C SER C 324 -41.60 15.35 -26.41
N GLU C 325 -42.03 14.11 -26.64
CA GLU C 325 -41.62 13.03 -25.77
C GLU C 325 -40.14 12.76 -25.92
N ILE C 326 -39.66 12.66 -27.17
CA ILE C 326 -38.26 12.27 -27.37
C ILE C 326 -37.28 13.32 -26.82
N HIS C 327 -37.66 14.61 -26.84
CA HIS C 327 -36.80 15.63 -26.25
C HIS C 327 -36.67 15.43 -24.74
N LEU C 328 -37.81 15.22 -24.07
CA LEU C 328 -37.76 14.98 -22.64
C LEU C 328 -37.05 13.68 -22.30
N GLY C 329 -37.11 12.68 -23.19
CA GLY C 329 -36.37 11.45 -22.96
C GLY C 329 -34.86 11.61 -23.09
N VAL C 330 -34.42 12.24 -24.18
CA VAL C 330 -33.00 12.54 -24.32
C VAL C 330 -32.51 13.37 -23.14
N LEU C 331 -33.30 14.36 -22.76
CA LEU C 331 -32.95 15.19 -21.61
C LEU C 331 -32.81 14.33 -20.36
N SER C 332 -33.65 13.30 -20.25
CA SER C 332 -33.59 12.40 -19.10
C SER C 332 -32.30 11.58 -19.08
N ILE C 333 -31.93 10.95 -20.21
CA ILE C 333 -30.66 10.19 -20.29
C ILE C 333 -29.49 11.07 -19.83
N PHE C 334 -29.39 12.26 -20.43
CA PHE C 334 -28.29 13.16 -20.08
C PHE C 334 -28.34 13.58 -18.61
N TRP C 335 -29.54 13.89 -18.09
CA TRP C 335 -29.71 14.35 -16.71
C TRP C 335 -29.24 13.30 -15.71
N GLY C 336 -29.67 12.06 -15.92
CA GLY C 336 -29.31 11.00 -14.99
C GLY C 336 -27.81 10.73 -14.97
N ILE C 337 -27.19 10.66 -16.15
CA ILE C 337 -25.72 10.52 -16.22
C ILE C 337 -25.04 11.62 -15.40
N ALA C 338 -25.47 12.87 -15.64
CA ALA C 338 -24.84 14.02 -15.01
C ALA C 338 -24.93 13.95 -13.49
N MET C 339 -26.11 13.70 -12.97
CA MET C 339 -26.17 13.78 -11.53
C MET C 339 -25.38 12.64 -10.88
N MET C 340 -25.32 11.46 -11.53
CA MET C 340 -24.52 10.41 -10.90
C MET C 340 -23.06 10.78 -10.86
N ILE C 341 -22.52 11.31 -11.97
CA ILE C 341 -21.11 11.67 -11.95
C ILE C 341 -20.85 12.70 -10.86
N ILE C 342 -21.73 13.70 -10.73
CA ILE C 342 -21.55 14.71 -9.69
C ILE C 342 -21.46 14.06 -8.32
N GLY C 343 -22.38 13.16 -8.02
CA GLY C 343 -22.37 12.55 -6.70
C GLY C 343 -21.07 11.84 -6.42
N LEU C 344 -20.67 10.97 -7.36
CA LEU C 344 -19.46 10.16 -7.20
C LEU C 344 -18.19 10.99 -7.15
N GLY C 345 -18.13 12.05 -7.96
CA GLY C 345 -16.98 12.93 -7.93
C GLY C 345 -16.83 13.64 -6.61
N MET C 346 -17.91 14.29 -6.14
CA MET C 346 -17.83 14.94 -4.82
C MET C 346 -17.50 13.92 -3.74
N GLN C 347 -18.00 12.69 -3.90
CA GLN C 347 -17.67 11.64 -2.95
C GLN C 347 -16.16 11.39 -2.93
N VAL C 348 -15.57 11.12 -4.09
CA VAL C 348 -14.13 10.87 -4.21
C VAL C 348 -13.32 12.03 -3.63
N LYS C 349 -13.75 13.26 -3.93
CA LYS C 349 -13.03 14.44 -3.46
C LYS C 349 -13.11 14.57 -1.95
N VAL C 350 -14.27 14.27 -1.35
CA VAL C 350 -14.38 14.28 0.12
C VAL C 350 -13.48 13.20 0.71
N LEU C 351 -13.40 12.07 0.01
CA LEU C 351 -12.56 10.95 0.42
C LEU C 351 -11.10 11.35 0.46
N ALA C 352 -10.63 11.95 -0.62
CA ALA C 352 -9.25 12.42 -0.68
C ALA C 352 -9.03 13.61 0.23
N LEU C 353 -10.04 14.45 0.44
CA LEU C 353 -9.79 15.66 1.19
C LEU C 353 -9.63 15.38 2.67
N ALA C 354 -10.12 14.25 3.16
CA ALA C 354 -9.85 13.86 4.54
C ALA C 354 -9.61 12.36 4.58
N PRO C 355 -8.41 11.94 4.15
CA PRO C 355 -8.11 10.51 4.11
C PRO C 355 -7.93 9.91 5.47
N ASP C 356 -7.79 10.72 6.51
CA ASP C 356 -7.75 10.05 7.82
C ASP C 356 -9.13 9.60 8.26
N ALA C 357 -10.18 10.43 8.11
CA ALA C 357 -11.51 10.09 8.69
C ALA C 357 -12.59 9.95 7.59
N THR C 358 -12.55 8.80 6.91
CA THR C 358 -13.47 8.50 5.81
C THR C 358 -14.90 8.43 6.29
N ASP C 359 -15.10 7.87 7.48
CA ASP C 359 -16.44 7.73 8.02
C ASP C 359 -17.09 9.09 8.20
N VAL C 360 -16.52 9.89 9.08
CA VAL C 360 -17.14 11.15 9.41
C VAL C 360 -17.27 12.00 8.16
N ALA C 361 -16.28 11.92 7.26
CA ALA C 361 -16.33 12.71 6.03
C ALA C 361 -17.51 12.31 5.17
N MET C 362 -17.68 11.02 4.93
CA MET C 362 -18.81 10.54 4.15
C MET C 362 -20.12 10.75 4.88
N ALA C 363 -20.07 10.75 6.21
CA ALA C 363 -21.24 10.98 7.04
C ALA C 363 -21.76 12.39 6.86
N LEU C 364 -20.88 13.38 7.12
CA LEU C 364 -21.17 14.77 6.83
C LEU C 364 -21.52 14.94 5.37
N PHE C 365 -20.96 14.11 4.51
CA PHE C 365 -21.30 14.17 3.10
C PHE C 365 -22.76 13.83 2.90
N SER C 366 -23.18 12.66 3.40
CA SER C 366 -24.59 12.28 3.34
C SER C 366 -25.46 13.30 4.06
N GLY C 367 -24.96 13.88 5.13
CA GLY C 367 -25.73 14.84 5.89
C GLY C 367 -26.07 16.04 5.07
N ILE C 368 -25.02 16.72 4.60
CA ILE C 368 -25.23 17.88 3.75
C ILE C 368 -25.93 17.45 2.46
N PHE C 369 -25.83 16.16 2.09
CA PHE C 369 -26.52 15.67 0.91
C PHE C 369 -28.01 15.72 1.08
N ASN C 370 -28.50 15.13 2.18
CA ASN C 370 -29.93 15.20 2.48
C ASN C 370 -30.38 16.63 2.69
N ILE C 371 -29.54 17.43 3.33
CA ILE C 371 -29.85 18.84 3.42
C ILE C 371 -30.11 19.43 2.05
N GLY C 372 -29.23 19.12 1.09
CA GLY C 372 -29.39 19.71 -0.24
C GLY C 372 -30.61 19.18 -0.96
N ILE C 373 -30.91 17.90 -0.77
CA ILE C 373 -32.14 17.33 -1.35
C ILE C 373 -33.36 18.09 -0.86
N GLY C 374 -33.46 18.27 0.47
CA GLY C 374 -34.60 18.98 1.03
C GLY C 374 -34.66 20.44 0.62
N ALA C 375 -33.51 21.11 0.53
CA ALA C 375 -33.49 22.50 0.08
C ALA C 375 -33.99 22.61 -1.37
N GLY C 376 -33.54 21.72 -2.24
CA GLY C 376 -34.03 21.75 -3.60
C GLY C 376 -35.54 21.52 -3.66
N ALA C 377 -36.05 20.55 -2.90
CA ALA C 377 -37.50 20.29 -2.89
C ALA C 377 -38.32 21.49 -2.37
N LEU C 378 -37.93 22.09 -1.24
CA LEU C 378 -38.70 23.23 -0.72
C LEU C 378 -38.66 24.41 -1.68
N VAL C 379 -37.52 24.68 -2.33
CA VAL C 379 -37.46 25.81 -3.25
C VAL C 379 -38.30 25.54 -4.50
N GLY C 380 -38.26 24.31 -5.03
CA GLY C 380 -39.19 23.95 -6.08
C GLY C 380 -40.64 24.14 -5.67
N ASN C 381 -40.95 23.82 -4.40
CA ASN C 381 -42.28 24.03 -3.86
C ASN C 381 -42.70 25.49 -3.98
N GLN C 382 -41.84 26.40 -3.52
CA GLN C 382 -42.20 27.81 -3.56
C GLN C 382 -42.36 28.31 -5.00
N VAL C 383 -41.44 27.97 -5.90
CA VAL C 383 -41.56 28.49 -7.27
C VAL C 383 -42.76 27.87 -8.00
N SER C 384 -43.02 26.58 -7.77
CA SER C 384 -44.18 25.94 -8.34
C SER C 384 -45.46 26.59 -7.81
N LEU C 385 -45.47 26.97 -6.53
CA LEU C 385 -46.66 27.48 -5.88
C LEU C 385 -46.97 28.90 -6.38
N HIS C 386 -45.97 29.77 -6.45
CA HIS C 386 -46.14 31.19 -6.71
C HIS C 386 -45.94 31.59 -8.19
N TRP C 387 -44.89 31.09 -8.82
CA TRP C 387 -44.76 31.14 -10.27
C TRP C 387 -45.41 29.87 -10.81
N SER C 388 -45.36 29.66 -12.12
CA SER C 388 -45.74 28.35 -12.64
C SER C 388 -44.65 27.34 -12.29
N MET C 389 -45.07 26.09 -12.03
CA MET C 389 -44.12 24.98 -11.96
C MET C 389 -43.31 24.83 -13.26
N SER C 390 -43.82 25.34 -14.37
CA SER C 390 -43.10 25.28 -15.64
C SER C 390 -41.72 25.93 -15.59
N MET C 391 -41.47 26.79 -14.61
CA MET C 391 -40.18 27.44 -14.45
C MET C 391 -39.22 26.70 -13.50
N ILE C 392 -39.61 25.57 -12.88
CA ILE C 392 -38.73 24.95 -11.89
C ILE C 392 -37.35 24.72 -12.50
N GLY C 393 -37.32 24.13 -13.70
CA GLY C 393 -36.07 23.93 -14.40
C GLY C 393 -35.26 25.20 -14.50
N TYR C 394 -35.88 26.27 -14.98
CA TYR C 394 -35.18 27.55 -15.06
C TYR C 394 -34.64 27.97 -13.71
N VAL C 395 -35.47 27.97 -12.66
CA VAL C 395 -34.96 28.31 -11.32
C VAL C 395 -33.81 27.38 -10.95
N GLY C 396 -33.96 26.07 -11.20
CA GLY C 396 -32.91 25.14 -10.83
C GLY C 396 -31.58 25.47 -11.44
N ALA C 397 -31.60 26.07 -12.64
CA ALA C 397 -30.36 26.35 -13.36
C ALA C 397 -29.48 27.36 -12.63
N VAL C 398 -30.06 28.23 -11.80
CA VAL C 398 -29.26 29.29 -11.16
C VAL C 398 -28.21 28.71 -10.21
N PRO C 399 -28.55 27.90 -9.20
CA PRO C 399 -27.49 27.37 -8.34
C PRO C 399 -26.43 26.58 -9.10
N ALA C 400 -26.84 25.76 -10.08
CA ALA C 400 -25.92 24.99 -10.91
C ALA C 400 -24.81 25.87 -11.44
N PHE C 401 -25.18 26.94 -12.16
CA PHE C 401 -24.21 27.91 -12.67
C PHE C 401 -23.25 28.34 -11.57
N ALA C 402 -23.81 28.84 -10.46
CA ALA C 402 -22.99 29.20 -9.31
C ALA C 402 -22.02 28.09 -8.99
N ALA C 403 -22.56 26.91 -8.67
CA ALA C 403 -21.73 25.75 -8.37
C ALA C 403 -20.63 25.60 -9.41
N LEU C 404 -21.02 25.55 -10.70
CA LEU C 404 -20.09 25.35 -11.80
C LEU C 404 -18.93 26.35 -11.73
N ILE C 405 -19.27 27.63 -11.66
CA ILE C 405 -18.27 28.67 -11.52
C ILE C 405 -17.37 28.33 -10.33
N TRP C 406 -17.97 28.27 -9.16
CA TRP C 406 -17.27 27.88 -7.94
C TRP C 406 -16.48 26.61 -8.15
N SER C 407 -17.11 25.60 -8.77
CA SER C 407 -16.44 24.35 -9.08
C SER C 407 -15.11 24.59 -9.76
N ILE C 408 -15.15 25.22 -10.94
CA ILE C 408 -13.93 25.56 -11.67
C ILE C 408 -12.93 26.21 -10.72
N ILE C 409 -13.39 27.26 -10.02
CA ILE C 409 -12.55 27.99 -9.06
C ILE C 409 -11.80 27.02 -8.17
N ILE C 410 -12.54 26.14 -7.48
CA ILE C 410 -11.91 25.26 -6.50
C ILE C 410 -11.23 24.06 -7.16
N PHE C 411 -11.64 23.64 -8.34
CA PHE C 411 -10.88 22.55 -8.94
C PHE C 411 -9.56 23.02 -9.57
N ARG C 412 -9.47 24.28 -10.00
CA ARG C 412 -8.15 24.82 -10.31
C ARG C 412 -7.33 24.85 -9.03
N ARG C 413 -8.00 25.07 -7.91
CA ARG C 413 -7.30 25.47 -6.71
C ARG C 413 -6.86 24.30 -5.84
N TRP C 414 -7.68 23.26 -5.73
CA TRP C 414 -7.30 22.09 -4.95
C TRP C 414 -7.50 20.84 -5.80
N PRO C 415 -6.65 20.64 -6.80
CA PRO C 415 -6.86 19.46 -7.66
C PRO C 415 -6.31 18.19 -7.03
N VAL C 416 -6.95 17.73 -5.95
CA VAL C 416 -6.52 16.55 -5.20
C VAL C 416 -7.61 15.48 -5.24
N THR C 417 -7.18 14.22 -5.48
CA THR C 417 -7.99 13.08 -5.88
C THR C 417 -7.40 11.81 -5.26
N LEU C 418 -8.04 10.66 -5.51
CA LEU C 418 -7.55 9.35 -5.10
C LEU C 418 -6.90 8.56 -6.26
N GLU C 419 -6.45 7.34 -5.96
CA GLU C 419 -5.90 6.50 -7.02
C GLU C 419 -6.26 4.99 -6.87
C1 BNG D . 14.99 25.10 1.93
C2 BNG D . 15.92 23.92 1.80
C3 BNG D . 16.74 24.09 0.57
C4 BNG D . 15.88 23.87 -0.63
C5 BNG D . 14.72 24.88 -0.65
C6 BNG D . 13.65 24.24 -1.48
C1' BNG D . 14.61 25.32 4.35
C2' BNG D . 13.60 24.92 5.45
C3' BNG D . 12.58 26.07 5.61
C4' BNG D . 11.26 25.61 6.31
C5' BNG D . 11.34 25.30 7.83
C6' BNG D . 9.89 25.26 8.35
C7' BNG D . 9.75 25.11 9.87
C8' BNG D . 8.26 25.12 10.29
C9' BNG D . 7.38 25.84 9.27
O1 BNG D . 14.20 24.88 3.05
O2 BNG D . 16.75 23.92 2.96
O3 BNG D . 17.76 23.08 0.54
O4 BNG D . 16.65 23.85 -1.85
O5 BNG D . 14.15 25.30 0.67
O6 BNG D . 14.30 23.65 -2.59
C1 BNG E . 16.49 -34.52 6.23
C2 BNG E . 15.50 -33.37 6.06
C3 BNG E . 14.46 -33.76 5.09
C4 BNG E . 15.15 -33.91 3.77
C5 BNG E . 16.22 -35.00 3.74
C6 BNG E . 17.08 -34.67 2.56
C1' BNG E . 17.56 -34.11 8.29
C2' BNG E . 18.19 -32.84 8.90
C3' BNG E . 19.72 -33.03 9.02
C4' BNG E . 20.01 -34.42 9.64
C5' BNG E . 21.55 -34.55 9.74
C6' BNG E . 22.05 -33.54 10.80
C7' BNG E . 22.72 -34.29 11.96
C8' BNG E . 23.89 -33.45 12.47
C9' BNG E . 25.14 -33.81 11.67
O1 BNG E . 17.55 -33.97 6.88
O2 BNG E . 14.89 -33.02 7.31
O3 BNG E . 13.48 -32.68 5.00
O4 BNG E . 14.22 -34.26 2.73
O5 BNG E . 17.02 -35.14 4.96
O6 BNG E . 18.42 -34.95 2.80
C1 BNG F . -28.19 8.54 4.56
C2 BNG F . -28.97 9.25 3.46
C3 BNG F . -29.34 8.38 2.30
C4 BNG F . -28.30 7.41 1.83
C5 BNG F . -27.52 6.75 2.98
C6 BNG F . -26.34 6.05 2.39
C1' BNG F . -27.74 10.78 5.42
C2' BNG F . -27.40 11.56 6.72
C3' BNG F . -25.88 11.63 7.02
C4' BNG F . -25.51 12.47 8.27
C5' BNG F . -24.90 11.49 9.31
C6' BNG F . -23.79 12.12 10.18
C7' BNG F . -23.86 13.66 10.23
C8' BNG F . -22.78 14.18 11.20
C9' BNG F . -21.69 13.13 11.43
O1 BNG F . -27.74 9.36 5.58
O2 BNG F . -30.23 9.63 4.02
O3 BNG F . -29.75 9.25 1.19
O4 BNG F . -28.88 6.39 1.01
O5 BNG F . -27.05 7.75 3.97
O6 BNG F . -25.21 6.88 2.50
#